data_3LXU
#
_entry.id   3LXU
#
_cell.length_a   126.372
_cell.length_b   126.372
_cell.length_c   213.983
_cell.angle_alpha   90.00
_cell.angle_beta   90.00
_cell.angle_gamma   90.00
#
_symmetry.space_group_name_H-M   'P 41 21 2'
#
_entity_poly.entity_id   1
_entity_poly.type   'polypeptide(L)'
_entity_poly.pdbx_seq_one_letter_code
;(MSE)ATSGIVESFPTGALVPKAETGVLNFLQKYPEYDGRDVTIAIFDSGVDPRATGLETLCDGKTVKVIERYDCSGCGD
VD(MSE)KKKVTPDENGNIKGLSGNSLKLSPEL(MSE)ALNTDPEKAVRVGLKSFSDLLPSKVRNNIVAQAKLKHWDKPH
KTATANASRKIVEFESQNPGEASKLPWDKKILKENLDFELE(MSE)LNSYEKVYGDIKTSYDCILFPTADGWLTIVDTTE
QGDLDQALRIGEYSRTHETRNVDDFLSISVNVHDEGNVLEVVG(MSE)SSPHGTHVSSIASGNHSSRDVDGVAPNAKIVS
(MSE)TIGDGRLGS(MSE)ETGTALVRA(MSE)TKV(MSE)ELCRDGRRIDVIN(MSE)SYGEHANWSNSGRIGEL
(MSE)NEVVNKYGVVWVASAGNHGPALCTVGTPPDISQPSLIGVGAYVSPQ(MSE)(MSE)EAEYAMREKLPGNVYTWTS
RDPCIDGGQGVTVCAPGGAIASVPQFT(MSE)SKSQL(MSE)NGTS(MSE)AAPHVAGAVALLISGLKQQNIEYSPYSIK
RAISVTATKLGYVDPFAQGHGLLNVEKAFEHLTEHRQSKDN(MSE)LRFSVRVGNNADKGIHLRQGVQRNSIDYNVYIEP
IFYNDKEADPKDKFNFNVRLNLIASQPWVQCGAFLDLSYGTRSIAVRVDPTGLQPGVHSAVIRAYDTDCVQKGSLFEIPV
TVVQPHVLESDQNTPVFEPASSKGDNSVEFQPNTIQRDFILVPERATWAELR(MSE)RITDPNRGEDIGKFFVHTNQLLP
KQSCRKLET(MSE)KIVSVGSENESI(MSE)AFKVKSGRILELCIAKYWSNYGQSHLKYSLRFRGVEAHNPNAYV(MSE)
HAGRGIHKLEIEALVAEDVQPQLQLKNAEVVLKPTEAKISPLSATRDVIPDGRQVYQNLLAFNLNVAKAADVSIYAPIFN
DLLYEAEFESQ(MSE)W(MSE)LFDANKALVATGDAHSHTSFTKLDKGEYTIRLQVRHEKRDLLEKISEANLVASFKLTS
PLTLDFYENYNQCIVGGRKYVSSPLRLSTRVLYIAPITQERLTKANLPAQCAWLSGNLVFPQDEVGRRVAQHPFTYILNP
AEKKSHTNGSSNGSSAAGSTATAAAVTTANGAKPKAPATPQAATSVTNPAAGDGISVQNDPPVDSSGSPASPKKGKANAD
DYAESFRDFQCSQIVKCELE(MSE)AEKIYNDVVAAHPKHLQANLLLIQNIESNQLKSQLPLTFVNAQKTSPPEAGESAD
KQKEDQKKVRSALERIVKLADKVIQETDSEALLSYYGLKNDTRADAAKIKTN(MSE)DKQKNTLIEALSKKGIAVAKLAV
LDDCIKDSLAEINELYTEIIKFVDANDSKAIQFALWHAYAHGHYGR(MSE)YKYVVKLIEEKRTRDHFVELAAINGALGH
EHIRTVINR(MSE)(MSE)ITAFPSSFRLF
;
_entity_poly.pdbx_strand_id   X
#
# COMPACT_ATOMS: atom_id res chain seq x y z
N LYS A 18 21.84 16.87 21.61
CA LYS A 18 21.54 17.40 22.93
C LYS A 18 21.02 16.31 23.85
N ALA A 19 20.84 16.65 25.12
CA ALA A 19 20.41 15.68 26.12
C ALA A 19 21.41 14.53 26.26
N GLU A 20 22.65 14.78 25.82
CA GLU A 20 23.59 13.70 25.55
C GLU A 20 24.26 13.22 26.84
N THR A 21 23.93 13.87 27.95
CA THR A 21 24.71 13.74 29.17
C THR A 21 24.29 12.49 29.95
N GLY A 22 23.00 12.17 29.89
CA GLY A 22 22.47 11.02 30.61
C GLY A 22 23.14 9.70 30.29
N VAL A 23 23.53 9.52 29.03
CA VAL A 23 24.16 8.28 28.60
C VAL A 23 25.69 8.37 28.70
N LEU A 24 26.20 9.58 28.49
CA LEU A 24 27.62 9.89 28.65
C LEU A 24 27.86 11.27 28.05
N ASN A 25 28.81 12.00 28.63
CA ASN A 25 29.40 13.17 28.03
C ASN A 25 30.86 13.16 28.46
N PHE A 26 31.26 12.03 29.02
CA PHE A 26 32.54 11.91 29.71
C PHE A 26 33.44 10.88 29.06
N LEU A 27 32.89 10.01 28.23
CA LEU A 27 33.72 9.15 27.40
C LEU A 27 34.36 10.01 26.34
N GLN A 28 33.77 11.17 26.10
CA GLN A 28 34.38 12.17 25.23
C GLN A 28 35.67 12.70 25.84
N LYS A 29 35.96 12.28 27.07
CA LYS A 29 37.26 12.53 27.68
C LYS A 29 38.25 11.49 27.15
N TYR A 30 37.79 10.75 26.15
CA TYR A 30 38.65 10.09 25.19
C TYR A 30 38.38 10.81 23.88
N PRO A 31 38.73 12.11 23.81
CA PRO A 31 38.30 12.97 22.71
C PRO A 31 38.64 12.43 21.32
N GLU A 32 39.66 11.58 21.25
CA GLU A 32 40.08 10.99 19.97
C GLU A 32 39.15 9.85 19.56
N TYR A 33 38.04 9.70 20.28
CA TYR A 33 37.06 8.68 19.99
C TYR A 33 35.78 9.36 19.52
N ASP A 34 35.93 10.32 18.61
CA ASP A 34 34.83 11.13 18.12
C ASP A 34 33.94 10.40 17.11
N GLY A 35 34.43 9.26 16.65
CA GLY A 35 33.74 8.50 15.62
C GLY A 35 34.64 8.29 14.42
N ARG A 36 35.94 8.23 14.68
CA ARG A 36 36.93 8.08 13.63
C ARG A 36 36.88 6.67 13.03
N ASP A 37 37.33 6.57 11.78
CA ASP A 37 37.38 5.29 11.06
C ASP A 37 36.17 4.41 11.37
N VAL A 38 34.98 4.93 11.10
CA VAL A 38 33.75 4.16 11.28
C VAL A 38 32.58 4.82 10.54
N THR A 39 31.80 3.99 9.85
CA THR A 39 30.68 4.48 9.06
C THR A 39 29.36 3.80 9.48
N ILE A 40 28.36 4.62 9.81
CA ILE A 40 27.05 4.11 10.20
C ILE A 40 26.15 3.93 8.97
N ALA A 41 25.18 3.04 9.08
CA ALA A 41 24.19 2.84 8.03
C ALA A 41 22.82 3.29 8.52
N ILE A 42 22.14 4.11 7.73
CA ILE A 42 20.84 4.63 8.13
C ILE A 42 19.72 4.08 7.25
N PHE A 43 19.11 2.99 7.72
CA PHE A 43 17.92 2.43 7.09
C PHE A 43 16.74 3.27 7.56
N ASP A 44 16.19 4.08 6.66
CA ASP A 44 15.14 5.01 7.05
C ASP A 44 14.42 5.57 5.84
N SER A 45 13.79 6.73 6.01
CA SER A 45 13.06 7.38 4.94
C SER A 45 14.00 8.27 4.11
N GLY A 46 15.29 7.98 4.16
CA GLY A 46 16.28 8.76 3.43
C GLY A 46 16.76 9.96 4.21
N VAL A 47 17.97 10.42 3.89
CA VAL A 47 18.56 11.54 4.59
C VAL A 47 18.84 12.72 3.64
N ASP A 48 19.27 13.84 4.21
CA ASP A 48 19.57 15.03 3.42
C ASP A 48 20.95 15.58 3.77
N PRO A 49 21.93 15.33 2.90
CA PRO A 49 23.32 15.77 3.15
C PRO A 49 23.42 17.28 3.29
N ARG A 50 22.77 18.01 2.39
CA ARG A 50 22.84 19.46 2.36
C ARG A 50 22.38 20.11 3.66
N ALA A 51 21.59 19.38 4.44
CA ALA A 51 21.06 19.90 5.70
C ALA A 51 22.17 20.21 6.70
N THR A 52 22.07 21.37 7.35
CA THR A 52 23.10 21.81 8.28
C THR A 52 23.40 20.76 9.35
N GLY A 53 24.63 20.24 9.33
CA GLY A 53 25.06 19.25 10.29
C GLY A 53 25.65 18.03 9.62
N LEU A 54 25.05 17.60 8.51
CA LEU A 54 25.51 16.43 7.78
C LEU A 54 26.37 16.83 6.59
N GLU A 55 26.79 18.10 6.58
CA GLU A 55 27.55 18.65 5.47
C GLU A 55 28.95 18.04 5.40
N THR A 56 29.64 18.01 6.52
CA THR A 56 30.98 17.43 6.60
C THR A 56 31.21 16.81 7.98
N LEU A 57 32.14 15.88 8.08
CA LEU A 57 32.52 15.35 9.37
C LEU A 57 33.47 16.33 10.06
N CYS A 58 33.86 16.02 11.31
CA CYS A 58 34.68 16.92 12.10
C CYS A 58 35.97 17.35 11.40
N ASP A 59 36.40 16.54 10.43
CA ASP A 59 37.57 16.87 9.63
C ASP A 59 37.42 18.26 9.03
N GLY A 60 36.19 18.77 9.02
CA GLY A 60 35.91 20.08 8.48
C GLY A 60 36.11 20.15 6.98
N LYS A 61 36.36 19.00 6.37
CA LYS A 61 36.65 18.94 4.94
C LYS A 61 36.01 17.73 4.27
N THR A 62 36.11 16.57 4.90
CA THR A 62 35.59 15.33 4.34
C THR A 62 34.06 15.28 4.35
N VAL A 63 33.49 14.68 3.31
CA VAL A 63 32.05 14.55 3.21
C VAL A 63 31.56 13.39 4.06
N LYS A 64 30.49 13.61 4.82
CA LYS A 64 30.02 12.60 5.77
C LYS A 64 29.09 11.57 5.13
N VAL A 65 28.09 12.05 4.40
CA VAL A 65 27.13 11.18 3.73
C VAL A 65 27.78 10.52 2.52
N ILE A 66 28.74 9.63 2.77
CA ILE A 66 29.54 9.01 1.73
C ILE A 66 28.74 8.36 0.60
N GLU A 67 27.61 7.74 0.95
CA GLU A 67 26.73 7.12 -0.05
C GLU A 67 25.26 7.38 0.28
N ARG A 68 24.38 7.08 -0.67
CA ARG A 68 22.94 7.14 -0.42
C ARG A 68 22.12 6.47 -1.52
N TYR A 69 21.34 5.46 -1.13
CA TYR A 69 20.54 4.67 -2.06
C TYR A 69 19.05 4.74 -1.76
N ASP A 70 18.26 4.22 -2.67
CA ASP A 70 16.82 4.03 -2.48
C ASP A 70 16.49 2.58 -2.83
N CYS A 71 16.64 1.71 -1.84
CA CYS A 71 16.59 0.27 -2.07
C CYS A 71 15.19 -0.27 -2.39
N SER A 72 14.18 0.59 -2.31
CA SER A 72 12.81 0.17 -2.52
C SER A 72 12.54 -0.19 -3.98
N GLY A 73 13.32 0.41 -4.88
CA GLY A 73 13.11 0.24 -6.31
C GLY A 73 12.12 1.25 -6.84
N CYS A 74 11.67 2.13 -5.95
CA CYS A 74 10.67 3.15 -6.28
C CYS A 74 11.23 4.26 -7.16
N GLY A 75 12.56 4.40 -7.16
CA GLY A 75 13.20 5.47 -7.92
C GLY A 75 13.81 5.01 -9.22
N ASP A 76 13.52 3.77 -9.61
CA ASP A 76 14.08 3.21 -10.83
C ASP A 76 13.53 3.87 -12.08
N VAL A 77 14.36 3.88 -13.13
CA VAL A 77 13.98 4.39 -14.43
C VAL A 77 14.53 3.45 -15.50
N ASP A 78 13.71 3.14 -16.49
CA ASP A 78 14.09 2.16 -17.51
C ASP A 78 14.86 2.79 -18.68
N LYS A 80 16.39 1.73 -21.06
CA LYS A 80 16.63 0.60 -21.95
C LYS A 80 16.69 1.00 -23.42
N LYS A 81 16.07 2.12 -23.77
CA LYS A 81 16.00 2.55 -25.16
C LYS A 81 17.15 3.45 -25.58
N LYS A 82 18.04 2.92 -26.41
CA LYS A 82 19.14 3.69 -26.97
C LYS A 82 18.71 4.40 -28.25
N VAL A 83 19.14 5.65 -28.40
CA VAL A 83 18.89 6.40 -29.63
C VAL A 83 20.05 7.34 -29.92
N THR A 84 20.63 7.21 -31.10
CA THR A 84 21.76 8.05 -31.50
C THR A 84 21.31 9.50 -31.71
N PRO A 85 22.15 10.45 -31.26
CA PRO A 85 21.85 11.88 -31.34
C PRO A 85 21.86 12.39 -32.78
N ASP A 86 21.26 11.63 -33.70
CA ASP A 86 21.11 12.08 -35.08
C ASP A 86 20.17 13.27 -35.14
N GLU A 87 19.95 13.89 -33.98
CA GLU A 87 19.18 15.12 -33.88
C GLU A 87 19.45 15.97 -35.12
N ASN A 88 20.74 16.16 -35.41
CA ASN A 88 21.15 16.68 -36.70
C ASN A 88 22.53 16.15 -37.07
N GLY A 89 22.61 15.55 -38.25
CA GLY A 89 23.77 14.77 -38.65
C GLY A 89 23.42 13.30 -38.55
N GLU A 113 11.33 9.21 -25.74
CA GLU A 113 10.87 10.22 -24.80
C GLU A 113 9.39 10.52 -24.98
N LYS A 114 9.09 11.73 -25.45
CA LYS A 114 7.79 12.03 -26.02
C LYS A 114 7.84 13.28 -26.91
N ALA A 115 8.21 14.41 -26.31
CA ALA A 115 8.50 15.62 -27.08
C ALA A 115 9.90 15.51 -27.69
N VAL A 116 10.50 16.65 -27.97
CA VAL A 116 11.55 16.77 -28.98
C VAL A 116 12.92 16.43 -28.40
N ARG A 117 13.96 16.68 -29.19
CA ARG A 117 15.33 16.44 -28.75
C ARG A 117 16.26 17.53 -29.27
N VAL A 118 17.07 18.09 -28.37
CA VAL A 118 18.10 19.05 -28.76
C VAL A 118 19.21 19.10 -27.71
N GLY A 119 20.39 18.62 -28.07
CA GLY A 119 21.51 18.63 -27.15
C GLY A 119 22.74 17.92 -27.67
N LEU A 120 23.67 18.68 -28.24
CA LEU A 120 24.95 18.14 -28.66
C LEU A 120 26.08 19.13 -28.36
N LYS A 121 27.25 18.89 -28.94
CA LYS A 121 28.48 19.53 -28.50
C LYS A 121 28.92 18.90 -27.18
N SER A 122 27.94 18.36 -26.46
CA SER A 122 28.20 17.66 -25.21
C SER A 122 28.61 16.22 -25.50
N PHE A 123 29.25 16.01 -26.64
CA PHE A 123 29.78 14.69 -26.97
C PHE A 123 31.03 14.43 -26.14
N SER A 124 30.94 14.75 -24.85
CA SER A 124 32.02 14.49 -23.92
C SER A 124 32.04 13.02 -23.56
N ASP A 125 32.92 12.27 -24.22
CA ASP A 125 33.08 10.84 -23.96
C ASP A 125 31.76 10.08 -24.12
N LEU A 126 30.81 10.64 -24.86
CA LEU A 126 29.52 10.01 -25.07
C LEU A 126 29.65 8.75 -25.94
N LEU A 127 30.84 8.15 -25.89
CA LEU A 127 31.12 6.91 -26.61
C LEU A 127 30.01 5.88 -26.45
N PRO A 128 29.85 5.00 -27.44
CA PRO A 128 30.63 5.03 -28.69
C PRO A 128 30.03 6.01 -29.70
N SER A 129 28.86 6.56 -29.39
CA SER A 129 28.17 7.50 -30.28
C SER A 129 26.73 7.74 -29.84
N LYS A 130 26.22 6.83 -29.01
CA LYS A 130 24.79 6.77 -28.71
C LYS A 130 24.39 7.42 -27.40
N VAL A 131 23.15 7.15 -26.98
CA VAL A 131 22.57 7.73 -25.77
C VAL A 131 21.36 6.93 -25.32
N ARG A 132 21.11 6.90 -24.01
CA ARG A 132 19.95 6.20 -23.47
C ARG A 132 18.89 7.20 -23.01
N ASN A 133 17.63 6.76 -22.99
CA ASN A 133 16.52 7.66 -22.69
C ASN A 133 15.31 6.96 -22.06
N ASN A 134 14.63 7.68 -21.17
CA ASN A 134 13.40 7.19 -20.56
C ASN A 134 12.60 8.32 -19.91
N ILE A 135 11.38 7.99 -19.49
CA ILE A 135 10.50 8.95 -18.85
C ILE A 135 10.18 8.52 -17.43
N VAL A 136 9.99 9.48 -16.54
CA VAL A 136 9.70 9.17 -15.14
C VAL A 136 9.13 10.38 -14.39
N ALA A 137 8.05 10.15 -13.66
CA ALA A 137 7.50 11.17 -12.76
C ALA A 137 8.24 11.06 -11.44
N GLN A 138 7.96 11.99 -10.52
CA GLN A 138 8.66 11.99 -9.25
C GLN A 138 7.73 12.36 -8.09
N ALA A 139 6.45 12.10 -8.29
CA ALA A 139 5.43 12.35 -7.27
C ALA A 139 5.50 11.31 -6.15
N LYS A 140 6.43 10.38 -6.26
CA LYS A 140 6.54 9.30 -5.29
C LYS A 140 7.81 9.40 -4.44
N LEU A 141 8.88 9.87 -5.06
CA LEU A 141 10.13 10.12 -4.35
C LEU A 141 9.88 11.23 -3.34
N LYS A 142 8.67 11.79 -3.41
CA LYS A 142 8.27 12.92 -2.59
C LYS A 142 7.15 12.47 -1.66
N HIS A 143 7.35 12.68 -0.36
CA HIS A 143 6.32 12.36 0.62
C HIS A 143 4.97 12.91 0.15
N TRP A 144 3.98 12.04 0.06
CA TRP A 144 2.67 12.39 -0.49
C TRP A 144 1.96 13.51 0.29
N ASP A 145 2.55 13.93 1.39
CA ASP A 145 1.98 15.03 2.17
C ASP A 145 2.57 16.39 1.76
N LYS A 146 3.20 16.42 0.60
CA LYS A 146 3.65 17.68 0.02
C LYS A 146 2.95 17.96 -1.32
N PRO A 147 1.61 18.04 -1.29
CA PRO A 147 0.88 18.45 -2.50
C PRO A 147 0.95 19.96 -2.65
N HIS A 148 1.41 20.65 -1.60
CA HIS A 148 1.55 22.10 -1.65
C HIS A 148 2.67 22.48 -2.60
N LYS A 149 3.50 21.50 -2.94
CA LYS A 149 4.49 21.67 -4.00
C LYS A 149 3.77 22.11 -5.26
N THR A 150 2.46 21.85 -5.29
CA THR A 150 1.60 22.29 -6.37
C THR A 150 1.08 23.70 -6.08
N ALA A 151 1.92 24.70 -6.38
CA ALA A 151 1.53 26.09 -6.20
C ALA A 151 1.06 26.67 -7.53
N THR A 152 -0.06 27.38 -7.50
CA THR A 152 -0.60 28.00 -8.71
C THR A 152 -0.13 29.44 -8.85
N ALA A 153 1.14 29.62 -9.22
CA ALA A 153 1.68 30.93 -9.51
C ALA A 153 1.17 31.38 -10.88
N ASN A 154 1.21 30.46 -11.83
CA ASN A 154 0.69 30.71 -13.17
C ASN A 154 -0.30 29.64 -13.59
N ALA A 155 -1.13 29.21 -12.64
CA ALA A 155 -2.13 28.18 -12.89
C ALA A 155 -3.54 28.67 -12.62
N SER A 156 -3.65 29.81 -11.93
CA SER A 156 -4.95 30.38 -11.61
C SER A 156 -5.34 31.47 -12.61
N ARG A 157 -5.41 31.09 -13.89
CA ARG A 157 -5.96 31.94 -14.94
C ARG A 157 -7.33 31.39 -15.30
N LYS A 158 -7.67 30.26 -14.68
CA LYS A 158 -9.00 29.68 -14.79
C LYS A 158 -10.03 30.67 -14.27
N ILE A 159 -9.72 31.27 -13.13
CA ILE A 159 -10.63 32.18 -12.43
C ILE A 159 -11.34 33.17 -13.36
N VAL A 160 -10.66 33.58 -14.43
CA VAL A 160 -11.31 34.39 -15.46
C VAL A 160 -12.32 33.53 -16.20
N GLU A 161 -13.48 33.34 -15.58
CA GLU A 161 -14.53 32.49 -16.15
C GLU A 161 -15.72 33.34 -16.56
N PHE A 162 -16.06 33.29 -17.84
CA PHE A 162 -17.15 34.07 -18.38
C PHE A 162 -18.47 33.31 -18.33
N GLU A 163 -19.29 33.62 -17.34
CA GLU A 163 -20.62 33.05 -17.23
C GLU A 163 -21.61 33.88 -18.02
N SER A 164 -21.70 33.64 -19.32
CA SER A 164 -22.70 34.31 -20.15
C SER A 164 -24.09 33.91 -19.65
N GLN A 165 -24.84 34.90 -19.19
CA GLN A 165 -26.11 34.62 -18.53
C GLN A 165 -27.34 34.77 -19.41
N ASN A 166 -28.52 34.66 -18.80
CA ASN A 166 -29.75 34.46 -19.55
C ASN A 166 -30.83 35.53 -19.40
N PRO A 167 -30.76 36.58 -20.22
CA PRO A 167 -31.88 37.51 -20.35
C PRO A 167 -32.88 36.97 -21.37
N GLY A 168 -33.26 35.70 -21.23
CA GLY A 168 -34.16 35.06 -22.17
C GLY A 168 -35.08 34.04 -21.52
N GLU A 169 -36.39 34.21 -21.73
CA GLU A 169 -37.41 33.33 -21.17
C GLU A 169 -37.28 33.12 -19.66
N ALA A 170 -37.89 32.04 -19.16
CA ALA A 170 -37.96 31.80 -17.73
C ALA A 170 -37.70 30.35 -17.33
N SER A 171 -38.18 29.41 -18.13
CA SER A 171 -38.02 27.99 -17.81
C SER A 171 -37.46 27.16 -18.97
N LYS A 172 -37.14 25.90 -18.66
CA LYS A 172 -36.48 25.01 -19.61
C LYS A 172 -37.37 24.60 -20.78
N LEU A 173 -37.37 25.40 -21.84
CA LEU A 173 -38.05 25.01 -23.08
C LEU A 173 -38.03 26.08 -24.17
N PRO A 174 -36.81 26.52 -24.57
CA PRO A 174 -36.67 27.42 -25.71
C PRO A 174 -36.19 26.67 -26.96
N TRP A 175 -36.65 27.08 -28.14
CA TRP A 175 -36.20 26.46 -29.38
C TRP A 175 -35.80 27.51 -30.41
N ASP A 176 -34.63 27.32 -31.01
CA ASP A 176 -33.75 26.21 -30.66
C ASP A 176 -32.44 26.73 -30.10
N LYS A 177 -32.50 27.29 -28.89
CA LYS A 177 -31.33 27.83 -28.22
C LYS A 177 -30.94 26.93 -27.07
N LYS A 178 -31.71 25.86 -26.88
CA LYS A 178 -31.45 24.90 -25.82
C LYS A 178 -30.05 24.32 -25.95
N ILE A 179 -29.56 24.25 -27.18
CA ILE A 179 -28.20 23.77 -27.45
C ILE A 179 -27.19 24.82 -27.03
N LEU A 180 -27.54 26.09 -27.19
CA LEU A 180 -26.67 27.19 -26.82
C LEU A 180 -26.44 27.21 -25.31
N LYS A 181 -27.53 27.18 -24.55
CA LYS A 181 -27.42 27.13 -23.09
C LYS A 181 -26.68 25.87 -22.66
N GLU A 182 -26.90 24.77 -23.37
CA GLU A 182 -26.13 23.55 -23.12
C GLU A 182 -24.65 23.87 -23.28
N ASN A 183 -24.27 24.29 -24.48
CA ASN A 183 -22.87 24.64 -24.77
C ASN A 183 -22.26 25.52 -23.68
N LEU A 184 -22.98 26.57 -23.31
CA LEU A 184 -22.51 27.50 -22.27
C LEU A 184 -22.38 26.80 -20.93
N ASP A 185 -23.46 26.16 -20.48
CA ASP A 185 -23.43 25.41 -19.24
C ASP A 185 -22.27 24.43 -19.22
N PHE A 186 -22.00 23.81 -20.36
CA PHE A 186 -20.98 22.77 -20.44
C PHE A 186 -19.55 23.30 -20.33
N GLU A 187 -19.31 24.50 -20.86
CA GLU A 187 -18.01 25.13 -20.72
C GLU A 187 -17.70 25.37 -19.25
N LEU A 188 -18.64 26.00 -18.57
CA LEU A 188 -18.50 26.29 -17.14
C LEU A 188 -18.23 25.02 -16.36
N GLU A 189 -18.97 23.96 -16.68
CA GLU A 189 -18.75 22.67 -16.03
C GLU A 189 -17.35 22.16 -16.32
N LEU A 191 -14.64 23.84 -17.04
CA LEU A 191 -13.68 24.65 -16.31
C LEU A 191 -13.62 24.22 -14.84
N ASN A 192 -14.79 24.09 -14.21
CA ASN A 192 -14.86 23.63 -12.83
C ASN A 192 -14.30 22.23 -12.68
N SER A 193 -14.56 21.39 -13.69
CA SER A 193 -14.10 20.01 -13.69
C SER A 193 -12.57 19.95 -13.64
N TYR A 194 -11.92 20.81 -14.41
CA TYR A 194 -10.47 20.88 -14.42
C TYR A 194 -9.92 21.44 -13.11
N GLU A 195 -10.67 22.35 -12.50
CA GLU A 195 -10.30 22.92 -11.21
C GLU A 195 -10.24 21.82 -10.16
N LYS A 196 -11.22 20.93 -10.17
CA LYS A 196 -11.27 19.81 -9.23
C LYS A 196 -10.17 18.79 -9.51
N VAL A 197 -9.56 18.89 -10.69
CA VAL A 197 -8.64 17.86 -11.16
C VAL A 197 -7.17 18.28 -11.10
N TYR A 198 -6.92 19.59 -11.02
CA TYR A 198 -5.56 20.10 -11.09
C TYR A 198 -4.55 19.33 -10.26
N GLY A 199 -4.80 19.23 -8.95
CA GLY A 199 -3.87 18.60 -8.04
C GLY A 199 -3.52 17.16 -8.37
N ASP A 200 -4.32 16.55 -9.23
CA ASP A 200 -4.13 15.14 -9.58
C ASP A 200 -3.12 14.96 -10.72
N ILE A 201 -2.78 16.06 -11.38
CA ILE A 201 -1.86 16.00 -12.51
C ILE A 201 -0.40 15.82 -12.09
N LYS A 202 0.10 14.61 -12.29
CA LYS A 202 1.50 14.30 -12.03
C LYS A 202 2.28 14.56 -13.30
N THR A 203 3.46 15.18 -13.18
CA THR A 203 4.26 15.51 -14.35
C THR A 203 5.47 14.59 -14.46
N SER A 204 5.72 14.09 -15.68
CA SER A 204 6.85 13.20 -15.92
C SER A 204 7.89 13.90 -16.79
N TYR A 205 9.16 13.79 -16.39
CA TYR A 205 10.24 14.42 -17.13
C TYR A 205 10.96 13.46 -18.06
N ASP A 206 11.78 14.01 -18.94
CA ASP A 206 12.61 13.21 -19.82
C ASP A 206 14.00 13.03 -19.21
N CYS A 207 14.50 11.80 -19.23
CA CYS A 207 15.81 11.50 -18.66
C CYS A 207 16.76 10.98 -19.72
N ILE A 208 18.02 11.44 -19.66
CA ILE A 208 19.03 11.03 -20.63
C ILE A 208 20.36 10.73 -19.93
N LEU A 209 21.05 9.68 -20.37
CA LEU A 209 22.36 9.36 -19.82
C LEU A 209 23.24 8.61 -20.81
N PHE A 210 24.54 8.93 -20.78
CA PHE A 210 25.52 8.30 -21.67
C PHE A 210 26.83 8.06 -20.92
N PRO A 211 27.60 7.06 -21.36
CA PRO A 211 28.82 6.62 -20.67
C PRO A 211 30.05 7.47 -20.99
N THR A 212 30.30 8.51 -20.20
CA THR A 212 31.52 9.30 -20.35
C THR A 212 32.70 8.56 -19.72
N ALA A 213 33.81 9.27 -19.53
CA ALA A 213 34.98 8.67 -18.89
C ALA A 213 34.98 8.94 -17.39
N ASP A 214 34.50 10.12 -17.00
CA ASP A 214 34.40 10.49 -15.60
C ASP A 214 33.37 9.65 -14.88
N GLY A 215 32.79 8.68 -15.59
CA GLY A 215 31.78 7.80 -15.03
C GLY A 215 30.54 7.76 -15.88
N TRP A 216 29.46 8.37 -15.37
CA TRP A 216 28.20 8.41 -16.10
C TRP A 216 27.54 9.77 -15.90
N LEU A 217 27.05 10.34 -16.99
CA LEU A 217 26.37 11.63 -16.92
C LEU A 217 24.90 11.47 -17.24
N THR A 218 24.05 12.00 -16.36
CA THR A 218 22.60 11.93 -16.55
C THR A 218 21.97 13.31 -16.64
N ILE A 219 20.98 13.44 -17.53
CA ILE A 219 20.34 14.73 -17.78
C ILE A 219 18.83 14.63 -17.57
N VAL A 220 18.31 15.54 -16.75
CA VAL A 220 16.87 15.59 -16.49
C VAL A 220 16.27 16.87 -17.07
N ASP A 221 15.34 16.71 -18.01
CA ASP A 221 14.70 17.83 -18.66
C ASP A 221 13.90 18.68 -17.68
N THR A 222 14.57 19.63 -17.03
CA THR A 222 13.89 20.55 -16.12
C THR A 222 13.00 21.49 -16.93
N THR A 223 13.61 22.19 -17.88
CA THR A 223 12.86 23.05 -18.80
C THR A 223 12.33 22.17 -19.92
N GLU A 224 11.14 21.60 -19.70
CA GLU A 224 10.52 20.66 -20.63
C GLU A 224 10.65 21.11 -22.09
N GLN A 225 10.38 22.39 -22.33
CA GLN A 225 10.44 22.95 -23.67
C GLN A 225 11.86 22.87 -24.25
N GLY A 226 12.63 23.94 -24.07
CA GLY A 226 13.99 23.99 -24.57
C GLY A 226 14.82 22.80 -24.12
N ASP A 227 15.09 21.89 -25.04
CA ASP A 227 15.85 20.69 -24.75
C ASP A 227 17.33 21.01 -24.53
N LEU A 228 17.66 22.31 -24.58
CA LEU A 228 19.04 22.77 -24.47
C LEU A 228 19.79 22.18 -23.28
N ASP A 229 21.10 22.39 -23.25
CA ASP A 229 21.95 21.88 -22.18
C ASP A 229 21.77 22.72 -20.91
N GLN A 230 20.54 23.16 -20.68
CA GLN A 230 20.23 23.98 -19.51
C GLN A 230 19.29 23.24 -18.56
N ALA A 231 19.76 22.11 -18.05
CA ALA A 231 18.97 21.31 -17.13
C ALA A 231 19.89 20.57 -16.15
N LEU A 232 19.30 19.68 -15.34
CA LEU A 232 20.07 18.93 -14.35
C LEU A 232 21.07 17.97 -14.99
N ARG A 233 22.34 18.19 -14.71
CA ARG A 233 23.41 17.32 -15.21
C ARG A 233 24.14 16.70 -14.03
N ILE A 234 23.50 15.72 -13.40
CA ILE A 234 24.08 15.08 -12.23
C ILE A 234 25.01 13.92 -12.61
N GLY A 235 25.99 13.65 -11.77
CA GLY A 235 26.86 12.50 -11.95
C GLY A 235 26.65 11.49 -10.84
N GLU A 236 27.25 10.31 -11.01
CA GLU A 236 27.12 9.24 -10.02
C GLU A 236 27.54 9.73 -8.63
N TYR A 237 26.60 9.70 -7.69
CA TYR A 237 26.88 10.11 -6.32
C TYR A 237 28.08 9.36 -5.76
N SER A 238 28.10 8.04 -5.99
CA SER A 238 29.18 7.20 -5.51
C SER A 238 30.54 7.63 -6.07
N ARG A 239 30.58 7.87 -7.38
CA ARG A 239 31.81 8.30 -8.05
C ARG A 239 32.07 9.80 -7.82
N THR A 240 31.59 10.29 -6.68
CA THR A 240 31.99 11.57 -6.11
C THR A 240 31.36 12.86 -6.66
N HIS A 241 30.38 12.75 -7.55
CA HIS A 241 29.56 13.94 -7.81
C HIS A 241 28.45 13.97 -6.78
N GLU A 242 28.86 13.79 -5.52
CA GLU A 242 27.94 13.65 -4.40
C GLU A 242 27.26 14.96 -4.07
N THR A 243 26.61 15.55 -5.07
CA THR A 243 25.97 16.86 -4.90
C THR A 243 24.50 16.81 -5.30
N ARG A 244 23.68 17.51 -4.53
CA ARG A 244 22.25 17.63 -4.83
C ARG A 244 22.01 18.66 -5.92
N ASN A 245 21.25 18.27 -6.93
CA ASN A 245 20.75 19.23 -7.91
C ASN A 245 19.23 19.35 -7.75
N VAL A 246 18.72 20.57 -7.92
CA VAL A 246 17.35 20.85 -7.53
C VAL A 246 16.42 21.17 -8.69
N ASP A 247 15.16 20.77 -8.54
CA ASP A 247 14.09 21.23 -9.42
C ASP A 247 13.45 22.42 -8.71
N ASP A 248 12.95 22.16 -7.51
CA ASP A 248 12.51 23.20 -6.58
C ASP A 248 11.88 22.54 -5.36
N PHE A 249 12.41 22.85 -4.18
CA PHE A 249 11.95 22.23 -2.94
C PHE A 249 12.00 20.71 -3.07
N LEU A 250 12.89 20.24 -3.95
CA LEU A 250 13.00 18.81 -4.24
C LEU A 250 14.39 18.49 -4.76
N SER A 251 15.29 18.11 -3.86
CA SER A 251 16.66 17.78 -4.23
C SER A 251 16.77 16.32 -4.70
N ILE A 252 17.71 16.07 -5.61
CA ILE A 252 17.83 14.76 -6.23
C ILE A 252 19.28 14.27 -6.27
N SER A 253 19.45 12.97 -6.05
CA SER A 253 20.74 12.31 -6.24
C SER A 253 20.54 11.19 -7.26
N VAL A 254 21.62 10.56 -7.71
CA VAL A 254 21.50 9.55 -8.76
C VAL A 254 22.51 8.40 -8.69
N ASN A 255 22.02 7.19 -8.94
CA ASN A 255 22.86 6.01 -9.07
C ASN A 255 22.56 5.30 -10.39
N VAL A 256 23.45 4.41 -10.81
CA VAL A 256 23.28 3.70 -12.08
C VAL A 256 23.63 2.22 -11.94
N HIS A 257 22.74 1.35 -12.41
CA HIS A 257 22.97 -0.09 -12.34
C HIS A 257 22.82 -0.76 -13.70
N ASP A 258 23.08 -2.06 -13.73
CA ASP A 258 22.87 -2.87 -14.93
C ASP A 258 23.55 -2.27 -16.15
N GLU A 259 24.84 -1.96 -16.04
CA GLU A 259 25.60 -1.41 -17.15
C GLU A 259 24.93 -0.19 -17.77
N GLY A 260 24.15 0.53 -16.97
CA GLY A 260 23.48 1.73 -17.43
C GLY A 260 22.07 1.49 -17.93
N ASN A 261 21.50 0.35 -17.55
CA ASN A 261 20.13 0.01 -17.94
C ASN A 261 19.08 0.54 -16.98
N VAL A 262 19.52 0.97 -15.81
CA VAL A 262 18.62 1.49 -14.79
C VAL A 262 19.15 2.79 -14.20
N LEU A 263 18.27 3.76 -14.04
CA LEU A 263 18.59 4.99 -13.33
C LEU A 263 17.89 5.00 -11.97
N GLU A 264 18.66 5.21 -10.90
CA GLU A 264 18.08 5.32 -9.58
C GLU A 264 18.15 6.74 -9.04
N VAL A 265 17.00 7.41 -8.99
CA VAL A 265 16.93 8.72 -8.36
C VAL A 265 16.69 8.55 -6.87
N VAL A 266 17.26 9.44 -6.06
CA VAL A 266 17.16 9.33 -4.61
C VAL A 266 16.55 10.60 -4.02
N GLY A 267 15.44 10.44 -3.30
CA GLY A 267 14.72 11.58 -2.76
C GLY A 267 14.98 11.87 -1.29
N SER A 269 13.43 14.11 0.36
CA SER A 269 12.17 14.55 0.96
C SER A 269 11.50 13.50 1.85
N SER A 270 11.89 13.51 3.11
CA SER A 270 11.32 12.66 4.16
C SER A 270 12.08 12.96 5.45
N PRO A 271 11.52 13.87 6.26
CA PRO A 271 12.19 14.44 7.44
C PRO A 271 12.78 13.39 8.36
N HIS A 272 11.98 12.38 8.70
CA HIS A 272 12.38 11.37 9.68
C HIS A 272 13.81 10.90 9.51
N GLY A 273 14.17 10.50 8.29
CA GLY A 273 15.49 9.97 8.01
C GLY A 273 16.63 10.93 8.29
N THR A 274 16.33 12.23 8.24
CA THR A 274 17.34 13.26 8.44
C THR A 274 17.66 13.49 9.91
N HIS A 275 16.62 13.71 10.71
CA HIS A 275 16.79 13.95 12.14
C HIS A 275 17.49 12.75 12.81
N VAL A 276 17.15 11.55 12.36
CA VAL A 276 17.77 10.34 12.89
C VAL A 276 19.28 10.39 12.73
N SER A 277 19.73 10.90 11.57
CA SER A 277 21.16 11.02 11.30
C SER A 277 21.73 12.25 12.01
N SER A 278 20.85 13.18 12.37
CA SER A 278 21.26 14.40 13.05
C SER A 278 21.53 14.12 14.54
N ILE A 279 20.92 13.06 15.05
CA ILE A 279 21.15 12.65 16.44
C ILE A 279 22.35 11.73 16.55
N ALA A 280 22.43 10.76 15.64
CA ALA A 280 23.56 9.83 15.62
C ALA A 280 24.87 10.56 15.36
N SER A 281 24.94 11.25 14.24
CA SER A 281 26.07 12.10 13.91
C SER A 281 25.57 13.52 13.68
N GLY A 282 26.48 14.44 13.35
CA GLY A 282 26.09 15.80 13.07
C GLY A 282 27.13 16.81 13.50
N ASN A 283 28.16 16.96 12.68
CA ASN A 283 29.24 17.89 12.97
C ASN A 283 28.78 19.35 12.97
N HIS A 284 28.61 19.92 14.16
CA HIS A 284 28.33 21.34 14.31
C HIS A 284 29.53 22.01 14.97
N SER A 285 30.42 21.18 15.50
CA SER A 285 31.62 21.66 16.17
C SER A 285 31.29 22.56 17.35
N SER A 286 30.63 22.00 18.37
CA SER A 286 30.25 22.77 19.55
C SER A 286 29.86 21.91 20.74
N ARG A 287 29.73 20.60 20.53
CA ARG A 287 29.27 19.69 21.58
C ARG A 287 28.06 20.27 22.31
N ASP A 288 27.16 20.88 21.56
CA ASP A 288 25.96 21.47 22.13
C ASP A 288 24.75 21.03 21.34
N VAL A 289 24.90 21.01 20.01
CA VAL A 289 23.85 20.55 19.11
C VAL A 289 24.35 19.36 18.30
N ASP A 290 25.63 19.06 18.45
CA ASP A 290 26.27 17.97 17.71
C ASP A 290 25.54 16.66 17.92
N GLY A 291 25.78 15.71 17.02
CA GLY A 291 25.29 14.36 17.18
C GLY A 291 26.04 13.67 18.30
N VAL A 292 26.01 12.35 18.32
CA VAL A 292 26.71 11.60 19.36
C VAL A 292 28.10 11.18 18.89
N ALA A 293 28.31 11.21 17.58
CA ALA A 293 29.61 10.87 17.01
C ALA A 293 29.80 11.59 15.68
N PRO A 294 30.18 12.88 15.75
CA PRO A 294 30.30 13.77 14.59
C PRO A 294 31.32 13.31 13.56
N ASN A 295 32.26 12.46 13.97
CA ASN A 295 33.29 11.96 13.06
C ASN A 295 32.83 10.76 12.24
N ALA A 296 31.72 10.16 12.67
CA ALA A 296 31.18 8.98 11.98
C ALA A 296 30.58 9.35 10.64
N LYS A 297 30.79 8.48 9.65
CA LYS A 297 30.29 8.70 8.30
C LYS A 297 28.95 7.99 8.08
N ILE A 298 28.04 8.63 7.36
CA ILE A 298 26.68 8.12 7.18
C ILE A 298 26.40 7.64 5.76
N VAL A 299 25.59 6.61 5.64
CA VAL A 299 25.12 6.12 4.34
C VAL A 299 23.61 5.93 4.34
N SER A 300 22.89 6.95 3.88
CA SER A 300 21.43 6.88 3.83
C SER A 300 20.94 5.79 2.91
N THR A 302 17.17 4.57 1.90
CA THR A 302 15.72 4.59 1.95
C THR A 302 15.16 3.17 1.78
N ILE A 303 14.53 2.66 2.84
CA ILE A 303 13.90 1.35 2.79
C ILE A 303 12.38 1.49 2.70
N GLY A 304 11.93 2.74 2.60
CA GLY A 304 10.51 3.01 2.40
C GLY A 304 10.19 3.16 0.93
N ASP A 305 9.09 2.56 0.50
CA ASP A 305 8.70 2.60 -0.90
C ASP A 305 7.64 3.68 -1.13
N GLY A 306 7.97 4.66 -1.96
CA GLY A 306 7.07 5.76 -2.24
C GLY A 306 5.71 5.32 -2.76
N ARG A 307 5.68 4.18 -3.44
CA ARG A 307 4.44 3.65 -3.99
C ARG A 307 3.49 3.22 -2.87
N LEU A 308 4.05 2.68 -1.80
CA LEU A 308 3.28 2.30 -0.62
C LEU A 308 3.15 3.52 0.28
N GLY A 309 3.96 4.53 0.00
CA GLY A 309 3.93 5.82 0.68
C GLY A 309 3.49 5.80 2.14
N SER A 310 4.43 5.51 3.03
CA SER A 310 5.79 5.15 2.64
C SER A 310 6.26 3.99 3.50
N GLU A 312 7.75 0.08 4.54
CA GLU A 312 8.94 -0.73 4.27
C GLU A 312 8.55 -1.91 3.40
N THR A 313 9.48 -2.35 2.55
CA THR A 313 9.21 -3.49 1.69
C THR A 313 10.27 -4.56 1.90
N GLY A 314 9.83 -5.81 2.00
CA GLY A 314 10.75 -6.91 2.13
C GLY A 314 11.94 -6.72 1.20
N THR A 315 11.65 -6.44 -0.07
CA THR A 315 12.69 -6.20 -1.05
C THR A 315 13.65 -5.12 -0.57
N ALA A 316 13.10 -3.97 -0.19
CA ALA A 316 13.91 -2.83 0.26
C ALA A 316 14.97 -3.26 1.26
N LEU A 317 14.54 -3.93 2.32
CA LEU A 317 15.46 -4.39 3.36
C LEU A 317 16.50 -5.36 2.80
N VAL A 318 16.05 -6.32 2.01
CA VAL A 318 16.98 -7.30 1.43
C VAL A 318 18.08 -6.61 0.64
N ARG A 319 17.70 -5.58 -0.11
CA ARG A 319 18.68 -4.81 -0.88
C ARG A 319 19.61 -4.02 0.03
N ALA A 320 19.05 -3.42 1.07
CA ALA A 320 19.84 -2.67 2.05
C ALA A 320 20.92 -3.55 2.66
N THR A 322 21.98 -6.31 1.48
CA THR A 322 22.83 -6.75 0.38
C THR A 322 23.97 -5.77 0.15
N LYS A 323 23.62 -4.48 0.06
CA LYS A 323 24.62 -3.44 -0.13
C LYS A 323 25.64 -3.50 1.00
N VAL A 324 25.14 -3.34 2.22
CA VAL A 324 25.98 -3.43 3.42
C VAL A 324 26.96 -4.59 3.33
N GLU A 326 27.95 -6.20 0.74
CA GLU A 326 28.90 -5.96 -0.35
C GLU A 326 30.01 -4.99 0.06
N LEU A 327 29.62 -3.85 0.63
CA LEU A 327 30.59 -2.84 1.05
C LEU A 327 31.59 -3.40 2.05
N CYS A 328 31.09 -4.15 3.03
CA CYS A 328 31.96 -4.76 4.03
C CYS A 328 32.99 -5.70 3.39
N ARG A 329 32.51 -6.60 2.54
CA ARG A 329 33.39 -7.57 1.87
C ARG A 329 34.49 -6.84 1.10
N ASP A 330 34.20 -5.61 0.67
CA ASP A 330 35.11 -4.87 -0.19
C ASP A 330 35.84 -3.75 0.54
N GLY A 331 36.40 -4.09 1.71
CA GLY A 331 37.25 -3.16 2.44
C GLY A 331 36.53 -2.05 3.19
N ARG A 332 35.42 -1.59 2.64
CA ARG A 332 34.67 -0.51 3.26
C ARG A 332 33.63 -1.02 4.27
N ARG A 333 34.12 -1.54 5.39
CA ARG A 333 33.23 -2.04 6.44
C ARG A 333 32.28 -0.95 6.92
N ILE A 334 31.02 -1.32 7.09
CA ILE A 334 30.07 -0.48 7.80
C ILE A 334 29.86 -1.16 9.16
N ASP A 335 30.05 -0.41 10.23
CA ASP A 335 30.11 -1.00 11.56
C ASP A 335 28.79 -1.00 12.32
N VAL A 336 27.93 -0.03 12.02
CA VAL A 336 26.66 0.09 12.72
C VAL A 336 25.49 0.40 11.77
N ILE A 337 24.33 -0.18 12.08
CA ILE A 337 23.10 0.12 11.36
C ILE A 337 22.10 0.72 12.33
N ASN A 338 21.20 1.56 11.82
CA ASN A 338 20.15 2.11 12.68
C ASN A 338 18.77 2.15 12.02
N SER A 340 15.14 3.16 12.70
CA SER A 340 13.99 3.79 13.35
C SER A 340 12.65 3.42 12.72
N TYR A 341 12.55 2.17 12.28
CA TYR A 341 11.61 1.70 11.27
C TYR A 341 11.18 0.28 11.60
N GLY A 342 9.95 -0.09 11.24
CA GLY A 342 9.51 -1.47 11.41
C GLY A 342 8.05 -1.67 11.79
N GLU A 343 7.62 -2.93 11.72
CA GLU A 343 6.24 -3.30 12.06
C GLU A 343 6.25 -4.47 13.03
N HIS A 344 5.10 -5.13 13.16
CA HIS A 344 4.98 -6.31 14.02
C HIS A 344 4.86 -7.60 13.21
N ALA A 345 5.06 -8.73 13.88
CA ALA A 345 5.00 -10.03 13.22
C ALA A 345 4.05 -10.98 13.93
N ASN A 346 3.75 -12.09 13.28
CA ASN A 346 2.88 -13.11 13.86
C ASN A 346 3.68 -14.23 14.51
N TRP A 347 5.00 -14.21 14.30
CA TRP A 347 5.90 -15.14 14.97
C TRP A 347 7.35 -14.64 14.93
N SER A 348 8.22 -15.30 15.69
CA SER A 348 9.62 -14.92 15.76
C SER A 348 10.51 -16.05 15.24
N ASN A 349 10.05 -17.29 15.43
CA ASN A 349 10.82 -18.47 15.12
C ASN A 349 11.15 -18.65 13.63
N SER A 350 10.49 -17.88 12.77
CA SER A 350 10.69 -18.03 11.33
C SER A 350 10.68 -16.70 10.58
N GLY A 351 11.29 -16.69 9.40
CA GLY A 351 11.35 -15.50 8.56
C GLY A 351 12.65 -15.42 7.79
N ARG A 352 12.57 -15.00 6.53
CA ARG A 352 13.75 -14.90 5.69
C ARG A 352 14.46 -13.57 5.92
N ILE A 353 13.69 -12.49 5.96
CA ILE A 353 14.24 -11.17 6.25
C ILE A 353 15.01 -11.19 7.56
N GLY A 354 14.41 -11.81 8.58
CA GLY A 354 15.05 -11.93 9.86
C GLY A 354 16.30 -12.79 9.81
N GLU A 355 16.23 -13.89 9.08
CA GLU A 355 17.35 -14.82 9.01
C GLU A 355 18.53 -14.17 8.31
N LEU A 356 18.24 -13.24 7.41
CA LEU A 356 19.28 -12.47 6.73
C LEU A 356 19.89 -11.45 7.67
N ASN A 358 20.24 -11.97 10.78
CA ASN A 358 21.13 -12.81 11.59
C ASN A 358 22.42 -13.16 10.85
N GLU A 359 22.46 -12.88 9.56
CA GLU A 359 23.63 -13.15 8.75
C GLU A 359 24.51 -11.91 8.64
N VAL A 360 23.88 -10.74 8.63
CA VAL A 360 24.62 -9.48 8.56
C VAL A 360 25.18 -9.11 9.93
N VAL A 361 24.78 -9.86 10.96
CA VAL A 361 25.25 -9.62 12.32
C VAL A 361 26.26 -10.69 12.73
N ASN A 362 26.05 -11.91 12.26
CA ASN A 362 26.92 -13.02 12.64
C ASN A 362 28.10 -13.21 11.69
N LYS A 363 27.91 -12.87 10.42
CA LYS A 363 28.95 -13.04 9.42
C LYS A 363 29.71 -11.74 9.15
N TYR A 364 28.99 -10.62 9.17
CA TYR A 364 29.57 -9.34 8.85
C TYR A 364 29.74 -8.46 10.08
N GLY A 365 29.60 -9.06 11.25
CA GLY A 365 29.84 -8.40 12.53
C GLY A 365 29.34 -6.98 12.64
N VAL A 366 28.16 -6.71 12.09
CA VAL A 366 27.58 -5.37 12.15
C VAL A 366 26.69 -5.22 13.38
N VAL A 367 26.91 -4.16 14.15
CA VAL A 367 26.06 -3.85 15.28
C VAL A 367 24.78 -3.18 14.79
N TRP A 368 23.67 -3.89 14.92
CA TRP A 368 22.39 -3.41 14.40
C TRP A 368 21.53 -2.81 15.51
N VAL A 369 21.32 -1.50 15.45
CA VAL A 369 20.47 -0.81 16.42
C VAL A 369 19.08 -0.58 15.83
N ALA A 370 18.05 -0.82 16.63
CA ALA A 370 16.68 -0.64 16.19
C ALA A 370 15.78 -0.26 17.35
N SER A 371 14.80 0.60 17.09
CA SER A 371 13.87 1.03 18.13
C SER A 371 13.00 -0.12 18.59
N ALA A 372 12.79 -0.21 19.91
CA ALA A 372 11.93 -1.25 20.47
C ALA A 372 10.54 -1.16 19.87
N GLY A 373 10.11 0.05 19.54
CA GLY A 373 8.79 0.28 18.98
C GLY A 373 8.04 1.37 19.73
N ASN A 374 7.03 1.94 19.06
CA ASN A 374 6.23 3.01 19.66
C ASN A 374 4.80 2.56 19.93
N HIS A 375 4.64 1.30 20.32
CA HIS A 375 3.32 0.71 20.41
C HIS A 375 2.86 0.41 21.83
N GLY A 376 3.44 1.12 22.80
CA GLY A 376 3.03 0.95 24.18
C GLY A 376 1.61 1.46 24.40
N PRO A 377 1.10 1.37 25.64
CA PRO A 377 1.77 0.79 26.82
C PRO A 377 1.60 -0.72 26.93
N ALA A 378 0.39 -1.23 26.75
CA ALA A 378 0.11 -2.66 26.89
C ALA A 378 1.30 -3.52 26.47
N LEU A 379 1.81 -4.33 27.40
CA LEU A 379 3.03 -5.09 27.17
C LEU A 379 2.86 -6.25 26.19
N CYS A 380 3.98 -6.87 25.81
CA CYS A 380 4.03 -7.81 24.70
C CYS A 380 3.67 -7.08 23.42
N THR A 381 4.30 -5.92 23.23
CA THR A 381 3.97 -5.04 22.12
C THR A 381 5.23 -4.59 21.37
N VAL A 382 6.36 -5.22 21.69
CA VAL A 382 7.59 -5.01 20.92
C VAL A 382 7.38 -5.56 19.51
N GLY A 383 7.58 -4.72 18.51
CA GLY A 383 7.39 -5.13 17.13
C GLY A 383 8.66 -5.71 16.52
N THR A 384 8.52 -6.41 15.41
CA THR A 384 9.68 -6.88 14.64
C THR A 384 10.58 -5.68 14.44
N PRO A 385 11.83 -5.90 14.00
CA PRO A 385 12.86 -5.07 14.63
C PRO A 385 12.43 -4.57 16.01
N PRO A 386 12.94 -5.22 17.08
CA PRO A 386 13.98 -6.27 17.02
C PRO A 386 13.48 -7.69 17.22
N ASP A 387 12.17 -7.91 17.33
CA ASP A 387 11.66 -9.25 17.58
C ASP A 387 11.81 -10.17 16.37
N ILE A 388 12.99 -10.76 16.21
CA ILE A 388 13.23 -11.71 15.12
C ILE A 388 13.55 -13.10 15.67
N SER A 389 14.28 -13.89 14.91
CA SER A 389 14.53 -15.29 15.30
C SER A 389 15.68 -15.45 16.30
N GLN A 390 16.31 -14.35 16.67
CA GLN A 390 17.37 -14.40 17.68
C GLN A 390 17.78 -13.00 18.15
N PRO A 391 18.40 -12.91 19.34
CA PRO A 391 18.77 -11.65 19.98
C PRO A 391 20.02 -11.02 19.35
N SER A 392 19.99 -10.80 18.04
CA SER A 392 21.15 -10.28 17.33
C SER A 392 21.06 -8.77 17.15
N LEU A 393 19.88 -8.22 17.42
CA LEU A 393 19.66 -6.78 17.28
C LEU A 393 19.54 -6.10 18.64
N ILE A 394 20.06 -4.88 18.73
CA ILE A 394 19.94 -4.12 19.96
C ILE A 394 18.68 -3.25 19.94
N GLY A 395 17.66 -3.70 20.68
CA GLY A 395 16.43 -2.95 20.80
C GLY A 395 16.58 -1.81 21.79
N VAL A 396 16.00 -0.66 21.46
CA VAL A 396 16.16 0.51 22.31
C VAL A 396 14.82 1.16 22.66
N GLY A 397 14.43 1.02 23.92
CA GLY A 397 13.25 1.71 24.42
C GLY A 397 13.52 3.20 24.52
N ALA A 398 12.48 3.97 24.79
CA ALA A 398 12.63 5.42 24.91
C ALA A 398 12.00 5.92 26.21
N TYR A 399 12.72 6.80 26.90
CA TYR A 399 12.22 7.37 28.14
C TYR A 399 12.36 8.90 28.14
N VAL A 400 11.44 9.56 28.84
CA VAL A 400 11.49 11.01 28.98
C VAL A 400 11.80 11.39 30.42
N SER A 401 12.93 12.06 30.61
CA SER A 401 13.35 12.48 31.94
C SER A 401 12.38 13.50 32.53
N PRO A 402 12.21 13.51 33.86
CA PRO A 402 11.34 14.48 34.53
C PRO A 402 11.76 15.91 34.18
N GLN A 403 12.98 16.05 33.67
CA GLN A 403 13.49 17.35 33.23
C GLN A 403 12.68 17.89 32.05
N GLU A 406 5.90 18.27 29.63
CA GLU A 406 5.40 18.86 28.38
C GLU A 406 4.04 18.30 27.97
N ALA A 407 3.28 19.11 27.24
CA ALA A 407 2.01 18.68 26.68
C ALA A 407 2.09 18.75 25.15
N ASN A 418 -3.35 12.60 20.22
CA ASN A 418 -3.29 12.52 18.77
C ASN A 418 -2.02 11.82 18.31
N VAL A 419 -0.87 12.40 18.69
CA VAL A 419 0.43 11.81 18.38
C VAL A 419 1.33 11.87 19.61
N TYR A 420 1.31 10.80 20.40
CA TYR A 420 2.11 10.72 21.62
C TYR A 420 2.96 9.46 21.60
N THR A 421 2.29 8.31 21.49
CA THR A 421 2.95 7.02 21.33
C THR A 421 3.90 6.64 22.47
N TRP A 422 3.45 5.71 23.32
CA TRP A 422 4.30 5.13 24.35
C TRP A 422 5.28 4.16 23.71
N THR A 423 6.45 4.01 24.31
CA THR A 423 7.38 2.98 23.89
C THR A 423 6.74 1.62 24.15
N SER A 424 7.00 0.66 23.28
CA SER A 424 6.48 -0.68 23.46
C SER A 424 7.18 -1.38 24.62
N ARG A 425 6.42 -2.20 25.36
CA ARG A 425 6.97 -2.90 26.53
C ARG A 425 7.50 -4.30 26.19
N ASP A 426 8.48 -4.75 26.96
CA ASP A 426 9.34 -5.86 26.55
C ASP A 426 9.04 -7.12 27.35
N PRO A 427 7.93 -7.79 27.01
CA PRO A 427 7.80 -9.23 27.25
C PRO A 427 8.17 -10.04 26.03
N CYS A 428 7.50 -9.78 24.91
CA CYS A 428 8.09 -9.99 23.59
C CYS A 428 7.49 -11.20 22.90
N ILE A 429 6.46 -11.79 23.53
CA ILE A 429 5.48 -12.58 22.81
C ILE A 429 6.08 -13.89 22.31
N ASP A 430 7.41 -13.88 22.12
CA ASP A 430 8.17 -15.13 22.09
C ASP A 430 8.56 -15.57 23.50
N GLY A 431 8.46 -14.66 24.45
CA GLY A 431 9.00 -14.89 25.78
C GLY A 431 10.31 -14.16 25.99
N GLY A 432 11.00 -13.87 24.90
CA GLY A 432 12.34 -13.29 24.98
C GLY A 432 12.34 -11.84 25.40
N GLN A 433 13.45 -11.14 25.13
CA GLN A 433 13.58 -9.75 25.51
C GLN A 433 14.01 -8.89 24.32
N GLY A 434 13.11 -8.00 23.91
CA GLY A 434 13.37 -7.11 22.78
C GLY A 434 14.11 -5.87 23.18
N VAL A 435 13.65 -5.21 24.23
CA VAL A 435 14.30 -3.99 24.74
C VAL A 435 15.62 -4.32 25.42
N THR A 436 16.72 -3.79 24.88
CA THR A 436 18.05 -4.04 25.42
C THR A 436 18.50 -2.91 26.32
N VAL A 437 18.06 -1.70 26.01
CA VAL A 437 18.39 -0.50 26.78
C VAL A 437 17.47 0.63 26.37
N CYS A 438 17.54 1.75 27.08
CA CYS A 438 16.74 2.92 26.72
C CYS A 438 17.60 4.18 26.65
N ALA A 439 17.11 5.17 25.91
CA ALA A 439 17.82 6.44 25.75
C ALA A 439 16.80 7.56 25.63
N PRO A 440 17.23 8.81 25.91
CA PRO A 440 16.33 9.96 25.92
C PRO A 440 15.67 10.19 24.57
N GLY A 441 14.44 10.72 24.59
CA GLY A 441 13.74 11.07 23.37
C GLY A 441 12.24 10.92 23.47
N LEU A 457 5.20 1.97 10.67
CA LEU A 457 6.29 1.80 9.72
C LEU A 457 7.43 2.76 10.00
N ASN A 459 8.76 3.95 12.96
CA ASN A 459 8.99 3.89 14.40
C ASN A 459 9.71 5.14 14.91
N GLY A 460 8.95 6.15 15.31
CA GLY A 460 9.51 7.41 15.74
C GLY A 460 10.80 7.23 16.51
N THR A 461 10.90 6.14 17.27
CA THR A 461 12.10 5.84 18.04
C THR A 461 12.26 6.79 19.22
N SER A 462 11.54 7.92 19.15
CA SER A 462 11.69 8.97 20.15
C SER A 462 13.16 9.36 20.34
N ALA A 464 16.04 7.95 19.93
CA ALA A 464 17.01 7.53 20.93
C ALA A 464 17.81 6.33 20.44
N ALA A 465 17.18 5.48 19.64
CA ALA A 465 17.90 4.48 18.86
C ALA A 465 19.09 5.10 18.13
N PRO A 466 18.83 6.21 17.45
CA PRO A 466 19.91 7.00 16.84
C PRO A 466 20.98 7.38 17.86
N HIS A 467 20.57 8.02 18.95
CA HIS A 467 21.46 8.25 20.08
C HIS A 467 22.34 7.04 20.35
N VAL A 468 21.73 5.92 20.72
CA VAL A 468 22.46 4.70 21.01
C VAL A 468 23.39 4.33 19.86
N ALA A 469 22.87 4.45 18.64
CA ALA A 469 23.65 4.13 17.44
C ALA A 469 24.95 4.93 17.44
N GLY A 470 24.84 6.23 17.64
CA GLY A 470 26.00 7.10 17.72
C GLY A 470 26.88 6.69 18.89
N ALA A 471 26.25 6.33 20.00
CA ALA A 471 26.98 5.87 21.17
C ALA A 471 27.81 4.65 20.82
N VAL A 472 27.22 3.74 20.05
CA VAL A 472 27.92 2.53 19.64
C VAL A 472 29.07 2.85 18.69
N ALA A 473 28.94 3.95 17.96
CA ALA A 473 30.01 4.42 17.09
C ALA A 473 31.21 4.85 17.93
N LEU A 474 30.94 5.60 18.99
CA LEU A 474 31.98 6.09 19.89
C LEU A 474 32.82 4.94 20.46
N LEU A 475 32.14 3.92 20.96
CA LEU A 475 32.82 2.76 21.52
C LEU A 475 33.70 2.09 20.47
N ILE A 476 33.16 1.92 19.28
CA ILE A 476 33.88 1.25 18.20
C ILE A 476 35.00 2.11 17.63
N SER A 477 35.02 3.39 18.01
CA SER A 477 36.12 4.26 17.65
C SER A 477 37.42 3.73 18.25
N GLY A 478 37.45 3.68 19.58
CA GLY A 478 38.63 3.24 20.30
C GLY A 478 38.77 1.72 20.37
N LEU A 479 37.65 1.02 20.31
CA LEU A 479 37.69 -0.43 20.27
C LEU A 479 38.59 -0.90 19.13
N LYS A 480 38.73 -0.04 18.12
CA LYS A 480 39.51 -0.38 16.94
C LYS A 480 40.87 0.31 16.92
N GLN A 481 40.94 1.52 17.50
CA GLN A 481 42.20 2.27 17.54
C GLN A 481 42.95 2.05 18.86
N GLN A 482 42.37 1.23 19.73
CA GLN A 482 43.11 0.67 20.86
C GLN A 482 43.42 -0.76 20.49
N ASN A 483 43.00 -1.15 19.29
CA ASN A 483 43.19 -2.50 18.78
C ASN A 483 42.61 -3.56 19.71
N ILE A 484 41.29 -3.57 19.82
CA ILE A 484 40.59 -4.51 20.67
C ILE A 484 39.71 -5.44 19.86
N GLU A 485 39.91 -6.74 20.02
CA GLU A 485 39.13 -7.74 19.30
C GLU A 485 37.74 -7.84 19.94
N TYR A 486 36.70 -7.59 19.13
CA TYR A 486 35.34 -7.55 19.65
C TYR A 486 34.32 -8.21 18.71
N SER A 487 33.07 -8.28 19.17
CA SER A 487 31.98 -8.85 18.40
C SER A 487 30.75 -7.95 18.50
N PRO A 488 29.73 -8.23 17.69
CA PRO A 488 28.44 -7.55 17.87
C PRO A 488 27.77 -8.05 19.14
N TYR A 489 28.22 -9.22 19.61
CA TYR A 489 27.71 -9.79 20.84
C TYR A 489 28.41 -9.17 22.05
N SER A 490 29.73 -9.06 21.96
CA SER A 490 30.52 -8.52 23.06
C SER A 490 30.18 -7.06 23.33
N ILE A 491 29.64 -6.39 22.31
CA ILE A 491 29.25 -4.99 22.46
C ILE A 491 27.86 -4.88 23.07
N LYS A 492 26.89 -5.61 22.52
CA LYS A 492 25.56 -5.64 23.10
C LYS A 492 25.62 -6.20 24.52
N ARG A 493 26.55 -7.13 24.72
CA ARG A 493 26.75 -7.74 26.03
C ARG A 493 27.34 -6.73 27.00
N ALA A 494 28.31 -5.95 26.51
CA ALA A 494 28.99 -4.97 27.35
C ALA A 494 28.05 -3.86 27.82
N ILE A 495 27.24 -3.34 26.90
CA ILE A 495 26.31 -2.27 27.22
C ILE A 495 25.23 -2.73 28.18
N SER A 496 24.69 -3.92 27.94
CA SER A 496 23.63 -4.48 28.79
C SER A 496 24.02 -4.49 30.27
N VAL A 497 25.01 -5.31 30.59
CA VAL A 497 25.44 -5.48 31.98
C VAL A 497 26.21 -4.28 32.51
N THR A 498 25.88 -3.09 32.01
CA THR A 498 26.56 -1.87 32.40
C THR A 498 25.56 -0.75 32.67
N ALA A 499 24.40 -0.85 32.04
CA ALA A 499 23.41 0.21 32.10
C ALA A 499 22.83 0.40 33.49
N THR A 500 22.18 1.54 33.70
CA THR A 500 21.61 1.91 34.99
C THR A 500 20.10 1.73 34.99
N LYS A 501 19.61 0.79 35.78
CA LYS A 501 18.18 0.53 35.84
C LYS A 501 17.43 1.70 36.49
N LEU A 502 16.53 2.32 35.75
CA LEU A 502 15.77 3.46 36.24
C LEU A 502 14.53 3.03 37.03
N GLY A 503 14.57 3.26 38.34
CA GLY A 503 13.47 2.88 39.21
C GLY A 503 12.22 3.72 39.02
N TYR A 504 12.31 4.76 38.21
CA TYR A 504 11.16 5.62 37.94
C TYR A 504 10.59 5.38 36.53
N VAL A 505 11.18 4.43 35.81
CA VAL A 505 10.69 4.05 34.50
C VAL A 505 10.14 2.62 34.51
N ASP A 506 9.03 2.42 33.81
CA ASP A 506 8.38 1.12 33.72
C ASP A 506 9.40 0.02 33.43
N PRO A 507 9.49 -0.96 34.33
CA PRO A 507 10.43 -2.09 34.22
C PRO A 507 10.46 -2.68 32.82
N PHE A 508 9.27 -2.85 32.23
CA PHE A 508 9.16 -3.46 30.90
C PHE A 508 9.54 -2.49 29.78
N ALA A 509 9.25 -1.21 29.97
CA ALA A 509 9.52 -0.19 28.96
C ALA A 509 11.02 -0.06 28.67
N GLN A 510 11.83 -0.48 29.63
CA GLN A 510 13.28 -0.50 29.45
C GLN A 510 13.77 -1.94 29.48
N GLY A 511 15.05 -2.10 29.78
CA GLY A 511 15.65 -3.42 29.87
C GLY A 511 17.13 -3.18 30.11
N HIS A 512 17.63 -3.67 31.24
CA HIS A 512 18.95 -3.28 31.68
C HIS A 512 19.02 -1.76 31.68
N GLY A 513 18.01 -1.13 32.27
CA GLY A 513 17.96 0.31 32.39
C GLY A 513 18.53 1.14 31.26
N LEU A 514 19.21 2.23 31.63
CA LEU A 514 19.64 3.25 30.68
C LEU A 514 21.11 3.10 30.29
N LEU A 515 21.38 3.27 29.00
CA LEU A 515 22.73 3.18 28.45
C LEU A 515 23.75 4.02 29.22
N ASN A 516 24.87 3.40 29.55
CA ASN A 516 25.99 4.10 30.16
C ASN A 516 27.27 3.83 29.37
N VAL A 517 27.67 4.78 28.55
CA VAL A 517 28.75 4.56 27.59
C VAL A 517 30.14 4.43 28.23
N GLU A 518 30.57 5.47 28.94
CA GLU A 518 31.91 5.47 29.52
C GLU A 518 32.11 4.27 30.44
N LYS A 519 31.02 3.82 31.06
CA LYS A 519 31.07 2.64 31.92
C LYS A 519 31.11 1.37 31.07
N ALA A 520 30.42 1.40 29.94
CA ALA A 520 30.39 0.27 29.02
C ALA A 520 31.71 0.11 28.30
N PHE A 521 32.45 1.20 28.16
CA PHE A 521 33.78 1.15 27.55
C PHE A 521 34.77 0.55 28.54
N GLU A 522 34.58 0.85 29.82
CA GLU A 522 35.37 0.23 30.87
C GLU A 522 35.27 -1.28 30.72
N HIS A 523 34.04 -1.77 30.64
CA HIS A 523 33.78 -3.20 30.53
C HIS A 523 34.52 -3.81 29.34
N LEU A 524 34.61 -3.06 28.25
CA LEU A 524 35.24 -3.55 27.03
C LEU A 524 36.77 -3.53 27.12
N THR A 525 37.30 -2.45 27.67
CA THR A 525 38.75 -2.34 27.86
C THR A 525 39.25 -3.47 28.75
N GLU A 526 38.55 -3.69 29.87
CA GLU A 526 38.80 -4.83 30.72
C GLU A 526 38.18 -6.06 30.06
N HIS A 527 38.58 -7.25 30.51
CA HIS A 527 38.07 -8.49 29.94
C HIS A 527 38.30 -8.57 28.42
N ARG A 528 39.18 -7.71 27.92
CA ARG A 528 39.42 -7.65 26.48
C ARG A 528 40.21 -8.85 25.99
N GLN A 529 40.83 -9.56 26.93
CA GLN A 529 41.60 -10.77 26.60
C GLN A 529 40.77 -12.02 26.89
N SER A 530 39.45 -11.87 26.84
CA SER A 530 38.54 -12.98 27.11
C SER A 530 37.91 -13.52 25.83
N LYS A 531 37.90 -14.84 25.68
CA LYS A 531 37.36 -15.48 24.49
C LYS A 531 35.84 -15.44 24.48
N ASP A 532 35.24 -15.13 25.62
CA ASP A 532 33.79 -15.02 25.71
C ASP A 532 33.28 -13.90 24.79
N ASN A 533 34.16 -12.95 24.48
CA ASN A 533 33.80 -11.83 23.62
C ASN A 533 33.49 -12.26 22.19
N LEU A 535 32.12 -15.28 21.49
CA LEU A 535 31.17 -16.37 21.59
C LEU A 535 29.72 -15.88 21.76
N ARG A 536 28.83 -16.46 20.98
CA ARG A 536 27.40 -16.18 21.11
C ARG A 536 26.71 -17.40 21.73
N PHE A 537 25.76 -17.15 22.61
CA PHE A 537 25.04 -18.25 23.26
C PHE A 537 23.61 -18.36 22.78
N SER A 538 23.36 -19.32 21.89
CA SER A 538 22.03 -19.55 21.34
C SER A 538 21.12 -20.18 22.39
N VAL A 539 20.09 -19.43 22.78
CA VAL A 539 19.12 -19.91 23.77
C VAL A 539 17.76 -20.10 23.13
N ARG A 540 17.36 -21.35 22.95
CA ARG A 540 16.06 -21.65 22.35
C ARG A 540 15.26 -22.59 23.25
N VAL A 541 13.96 -22.33 23.37
CA VAL A 541 13.13 -22.98 24.37
C VAL A 541 12.06 -23.90 23.82
N GLY A 542 12.00 -25.13 24.34
CA GLY A 542 10.89 -26.03 24.10
C GLY A 542 10.62 -26.45 22.67
N ASN A 543 11.68 -26.73 21.92
CA ASN A 543 11.54 -27.30 20.57
C ASN A 543 11.03 -26.32 19.51
N ASN A 544 10.31 -25.29 19.93
CA ASN A 544 9.88 -24.25 19.01
C ASN A 544 10.94 -23.17 18.82
N ALA A 545 12.06 -23.35 19.53
CA ALA A 545 13.20 -22.45 19.41
C ALA A 545 12.89 -21.04 19.90
N ASP A 546 11.88 -20.91 20.74
CA ASP A 546 11.57 -19.62 21.36
C ASP A 546 12.82 -19.12 22.09
N LYS A 547 12.86 -17.84 22.39
CA LYS A 547 14.03 -17.26 23.04
C LYS A 547 13.72 -16.81 24.46
N GLY A 548 12.57 -17.24 24.98
CA GLY A 548 12.17 -16.91 26.33
C GLY A 548 11.03 -17.75 26.84
N ILE A 549 10.90 -17.81 28.17
CA ILE A 549 9.79 -18.49 28.82
C ILE A 549 8.69 -17.50 29.17
N HIS A 550 7.50 -17.75 28.64
CA HIS A 550 6.40 -16.81 28.76
C HIS A 550 5.08 -17.52 29.04
N LEU A 551 4.75 -17.66 30.31
CA LEU A 551 3.51 -18.31 30.73
C LEU A 551 2.35 -17.33 30.66
N ARG A 552 1.50 -17.48 29.65
CA ARG A 552 0.35 -16.60 29.50
C ARG A 552 -0.76 -17.29 28.71
N GLN A 553 -1.40 -18.27 29.34
CA GLN A 553 -2.45 -19.03 28.68
C GLN A 553 -3.86 -18.53 29.07
N GLY A 554 -4.33 -18.84 30.28
CA GLY A 554 -3.61 -19.66 31.23
C GLY A 554 -3.81 -19.30 32.68
N VAL A 555 -4.46 -20.18 33.43
CA VAL A 555 -4.58 -20.04 34.87
C VAL A 555 -3.49 -20.87 35.55
N GLN A 556 -2.38 -20.21 35.87
CA GLN A 556 -1.19 -20.90 36.33
C GLN A 556 -1.25 -21.30 37.81
N ARG A 557 -1.88 -22.45 38.07
CA ARG A 557 -1.99 -22.95 39.44
C ARG A 557 -1.03 -24.12 39.68
N ASN A 558 -0.54 -24.71 38.60
CA ASN A 558 0.45 -25.78 38.68
C ASN A 558 1.82 -25.32 38.22
N SER A 559 2.86 -25.97 38.71
CA SER A 559 4.21 -25.68 38.24
C SER A 559 4.46 -26.43 36.93
N ILE A 560 5.37 -25.91 36.12
CA ILE A 560 5.64 -26.50 34.80
C ILE A 560 7.13 -26.58 34.54
N ASP A 561 7.54 -27.59 33.78
CA ASP A 561 8.94 -27.75 33.44
C ASP A 561 9.20 -27.38 31.98
N TYR A 562 10.35 -26.78 31.71
CA TYR A 562 10.73 -26.39 30.36
C TYR A 562 12.10 -26.95 30.00
N ASN A 563 12.27 -27.34 28.74
CA ASN A 563 13.55 -27.84 28.27
C ASN A 563 14.26 -26.82 27.39
N VAL A 564 15.19 -26.09 27.98
CA VAL A 564 15.93 -25.06 27.27
C VAL A 564 17.21 -25.62 26.66
N TYR A 565 17.45 -25.28 25.39
CA TYR A 565 18.65 -25.72 24.70
C TYR A 565 19.65 -24.58 24.58
N ILE A 566 20.80 -24.73 25.24
CA ILE A 566 21.84 -23.70 25.20
C ILE A 566 23.01 -24.19 24.35
N GLU A 567 23.37 -23.40 23.34
CA GLU A 567 24.45 -23.77 22.44
C GLU A 567 25.41 -22.62 22.18
N PRO A 568 26.72 -22.88 22.33
CA PRO A 568 27.78 -21.90 22.04
C PRO A 568 27.99 -21.78 20.53
N ILE A 569 28.17 -20.56 20.04
CA ILE A 569 28.41 -20.33 18.62
C ILE A 569 29.54 -19.33 18.44
N PHE A 570 30.60 -19.76 17.75
CA PHE A 570 31.77 -18.91 17.54
C PHE A 570 31.45 -17.80 16.54
N TYR A 571 31.62 -16.56 16.98
CA TYR A 571 31.31 -15.35 16.20
C TYR A 571 30.88 -15.60 14.77
N ASN A 572 31.85 -15.80 13.88
CA ASN A 572 31.57 -16.00 12.46
C ASN A 572 31.10 -17.42 12.17
N ASP A 573 32.04 -18.35 12.07
CA ASP A 573 31.72 -19.76 11.96
C ASP A 573 32.95 -20.62 12.23
N LYS A 574 32.78 -21.94 12.23
CA LYS A 574 33.87 -22.85 12.55
C LYS A 574 34.67 -23.25 11.30
N GLU A 575 35.52 -22.33 10.85
CA GLU A 575 36.39 -22.60 9.71
C GLU A 575 37.85 -22.38 10.09
N ALA A 576 38.73 -23.24 9.59
CA ALA A 576 40.14 -23.22 9.95
C ALA A 576 40.83 -21.89 9.62
N ASP A 577 41.95 -21.65 10.30
CA ASP A 577 42.79 -20.48 10.03
C ASP A 577 42.14 -19.15 10.42
N PRO A 578 42.23 -18.76 11.70
CA PRO A 578 42.77 -19.59 12.79
C PRO A 578 41.65 -20.29 13.53
N LYS A 579 40.41 -19.85 13.30
CA LYS A 579 39.24 -20.43 13.92
C LYS A 579 39.19 -21.94 13.72
N ASP A 580 38.44 -22.64 14.57
CA ASP A 580 37.71 -22.02 15.67
C ASP A 580 38.31 -22.39 17.01
N LYS A 581 39.52 -22.94 16.98
CA LYS A 581 40.16 -23.47 18.17
C LYS A 581 39.19 -24.40 18.88
N PHE A 582 39.04 -25.61 18.32
CA PHE A 582 38.06 -26.57 18.78
C PHE A 582 37.90 -26.69 20.29
N ASN A 583 36.67 -26.91 20.72
CA ASN A 583 36.37 -27.11 22.14
C ASN A 583 36.97 -26.03 23.04
N PHE A 584 36.36 -24.85 23.04
CA PHE A 584 36.77 -23.79 23.95
C PHE A 584 36.15 -23.97 25.33
N ASN A 585 36.36 -25.15 25.91
CA ASN A 585 35.87 -25.49 27.24
C ASN A 585 34.95 -24.44 27.86
N VAL A 586 33.67 -24.51 27.53
CA VAL A 586 32.70 -23.58 28.08
C VAL A 586 31.93 -24.19 29.26
N ARG A 587 32.37 -23.86 30.47
CA ARG A 587 31.68 -24.27 31.68
C ARG A 587 31.09 -23.05 32.34
N LEU A 588 29.79 -23.10 32.63
CA LEU A 588 29.11 -21.96 33.24
C LEU A 588 28.07 -22.37 34.28
N ASN A 589 27.79 -21.45 35.20
CA ASN A 589 26.78 -21.67 36.22
C ASN A 589 25.57 -20.77 36.00
N LEU A 590 24.42 -21.18 36.50
CA LEU A 590 23.16 -20.46 36.25
C LEU A 590 22.45 -20.08 37.54
N ILE A 591 22.18 -18.79 37.71
CA ILE A 591 21.53 -18.29 38.91
C ILE A 591 20.14 -17.74 38.60
N ALA A 592 19.12 -18.30 39.25
CA ALA A 592 17.75 -17.85 39.08
C ALA A 592 17.53 -16.51 39.77
N SER A 593 16.80 -15.61 39.10
CA SER A 593 16.55 -14.28 39.63
C SER A 593 15.65 -14.31 40.86
N GLN A 594 14.72 -15.25 40.88
CA GLN A 594 13.77 -15.37 41.99
C GLN A 594 13.47 -16.82 42.37
N PRO A 595 12.94 -17.03 43.59
CA PRO A 595 12.75 -18.36 44.17
C PRO A 595 11.85 -19.29 43.37
N TRP A 596 10.83 -18.75 42.71
CA TRP A 596 9.84 -19.58 42.03
C TRP A 596 10.30 -20.13 40.68
N VAL A 597 11.53 -19.80 40.30
CA VAL A 597 12.15 -20.38 39.11
C VAL A 597 13.35 -21.24 39.53
N GLN A 598 13.40 -22.46 39.02
CA GLN A 598 14.40 -23.42 39.45
C GLN A 598 15.09 -24.12 38.29
N CYS A 599 16.40 -24.36 38.45
CA CYS A 599 17.19 -25.07 37.46
C CYS A 599 18.55 -25.41 38.06
N GLY A 600 19.31 -26.24 37.36
CA GLY A 600 20.63 -26.61 37.83
C GLY A 600 21.49 -25.39 38.09
N ALA A 601 22.65 -25.59 38.70
CA ALA A 601 23.57 -24.50 38.96
C ALA A 601 24.85 -24.67 38.16
N PHE A 602 24.92 -25.77 37.41
CA PHE A 602 26.10 -26.05 36.58
C PHE A 602 25.69 -26.57 35.21
N LEU A 603 26.55 -26.34 34.22
CA LEU A 603 26.29 -26.77 32.85
C LEU A 603 27.55 -26.66 32.02
N ASP A 604 27.96 -27.76 31.41
CA ASP A 604 29.16 -27.76 30.56
C ASP A 604 28.79 -27.81 29.08
N LEU A 605 29.20 -26.79 28.35
CA LEU A 605 28.87 -26.66 26.94
C LEU A 605 30.07 -27.00 26.06
N SER A 606 31.18 -27.38 26.69
CA SER A 606 32.41 -27.65 25.98
C SER A 606 32.19 -28.51 24.73
N TYR A 607 31.26 -29.44 24.81
CA TYR A 607 31.02 -30.35 23.70
C TYR A 607 29.68 -30.14 23.00
N GLY A 608 29.35 -28.89 22.69
CA GLY A 608 28.21 -28.59 21.85
C GLY A 608 26.92 -28.21 22.55
N THR A 609 25.81 -28.43 21.85
CA THR A 609 24.48 -28.06 22.36
C THR A 609 24.07 -28.93 23.54
N ARG A 610 23.59 -28.28 24.59
CA ARG A 610 23.23 -28.97 25.83
C ARG A 610 21.85 -28.54 26.31
N SER A 611 21.04 -29.52 26.71
CA SER A 611 19.70 -29.24 27.20
C SER A 611 19.69 -29.05 28.71
N ILE A 612 18.77 -28.21 29.17
CA ILE A 612 18.65 -27.91 30.59
C ILE A 612 17.19 -27.66 30.98
N ALA A 613 16.75 -28.32 32.04
CA ALA A 613 15.37 -28.19 32.49
C ALA A 613 15.23 -27.07 33.53
N VAL A 614 14.15 -26.30 33.42
CA VAL A 614 13.85 -25.25 34.39
C VAL A 614 12.38 -25.32 34.83
N ARG A 615 12.14 -25.17 36.12
CA ARG A 615 10.79 -25.27 36.65
C ARG A 615 10.28 -23.93 37.16
N VAL A 616 9.07 -23.57 36.73
CA VAL A 616 8.42 -22.35 37.16
C VAL A 616 7.25 -22.68 38.08
N ASP A 617 7.23 -22.10 39.27
CA ASP A 617 6.17 -22.34 40.24
C ASP A 617 5.26 -21.12 40.38
N PRO A 618 4.17 -21.10 39.62
CA PRO A 618 3.23 -19.98 39.59
C PRO A 618 2.25 -20.03 40.76
N THR A 619 2.24 -21.14 41.48
CA THR A 619 1.25 -21.40 42.52
C THR A 619 1.16 -20.27 43.56
N GLY A 620 2.30 -19.68 43.90
CA GLY A 620 2.34 -18.66 44.92
C GLY A 620 2.09 -17.25 44.40
N LEU A 621 2.24 -17.06 43.10
CA LEU A 621 2.10 -15.74 42.49
C LEU A 621 0.66 -15.25 42.45
N GLN A 622 0.44 -14.05 42.98
CA GLN A 622 -0.89 -13.44 42.98
C GLN A 622 -1.15 -12.72 41.66
N PRO A 623 -2.42 -12.68 41.22
CA PRO A 623 -2.80 -12.12 39.92
C PRO A 623 -1.97 -10.90 39.52
N GLY A 624 -1.65 -10.81 38.23
CA GLY A 624 -0.79 -9.76 37.71
C GLY A 624 0.38 -10.37 36.95
N VAL A 625 1.30 -9.52 36.49
CA VAL A 625 2.48 -10.00 35.78
C VAL A 625 3.70 -10.08 36.69
N HIS A 626 4.44 -11.17 36.59
CA HIS A 626 5.66 -11.35 37.37
C HIS A 626 6.80 -11.75 36.46
N SER A 627 7.96 -11.14 36.67
CA SER A 627 9.11 -11.42 35.82
C SER A 627 10.26 -12.04 36.61
N ALA A 628 11.12 -12.77 35.90
CA ALA A 628 12.32 -13.33 36.48
C ALA A 628 13.29 -13.69 35.36
N VAL A 629 14.54 -13.93 35.72
CA VAL A 629 15.57 -14.21 34.73
C VAL A 629 16.61 -15.18 35.27
N ILE A 630 17.15 -16.02 34.40
CA ILE A 630 18.25 -16.88 34.77
C ILE A 630 19.53 -16.39 34.10
N ARG A 631 20.34 -15.66 34.86
CA ARG A 631 21.62 -15.17 34.36
C ARG A 631 22.64 -16.30 34.43
N ALA A 632 23.53 -16.36 33.44
CA ALA A 632 24.57 -17.37 33.43
C ALA A 632 25.96 -16.72 33.45
N TYR A 633 26.87 -17.28 34.23
CA TYR A 633 28.20 -16.73 34.38
C TYR A 633 29.26 -17.74 33.98
N ASP A 634 30.42 -17.26 33.55
CA ASP A 634 31.55 -18.13 33.30
C ASP A 634 32.12 -18.58 34.63
N THR A 635 31.98 -19.88 34.92
CA THR A 635 32.44 -20.45 36.18
C THR A 635 33.73 -19.81 36.67
N ASP A 636 34.70 -19.70 35.76
CA ASP A 636 35.99 -19.12 36.09
C ASP A 636 35.84 -17.65 36.50
N CYS A 637 35.95 -16.75 35.54
CA CYS A 637 35.79 -15.32 35.81
C CYS A 637 34.31 -14.97 35.96
N VAL A 638 33.83 -15.01 37.20
CA VAL A 638 32.43 -14.71 37.49
C VAL A 638 32.20 -13.21 37.49
N GLN A 639 33.26 -12.45 37.23
CA GLN A 639 33.22 -10.99 37.31
C GLN A 639 33.00 -10.36 35.93
N LYS A 640 32.89 -11.20 34.91
CA LYS A 640 32.62 -10.71 33.55
C LYS A 640 31.17 -10.26 33.41
N GLY A 641 30.43 -10.32 34.50
CA GLY A 641 29.00 -10.10 34.46
C GLY A 641 28.35 -11.28 33.77
N SER A 642 27.01 -11.32 33.78
CA SER A 642 26.30 -12.41 33.12
C SER A 642 26.61 -12.43 31.62
N LEU A 643 26.78 -13.63 31.07
CA LEU A 643 27.07 -13.79 29.65
C LEU A 643 25.79 -13.67 28.83
N PHE A 644 24.76 -14.40 29.24
CA PHE A 644 23.44 -14.27 28.65
C PHE A 644 22.36 -14.44 29.72
N GLU A 645 21.10 -14.33 29.31
CA GLU A 645 20.00 -14.46 30.24
C GLU A 645 18.85 -15.27 29.64
N ILE A 646 18.11 -15.96 30.51
CA ILE A 646 16.91 -16.67 30.08
C ILE A 646 15.69 -16.01 30.70
N PRO A 647 14.95 -15.25 29.88
CA PRO A 647 13.84 -14.40 30.34
C PRO A 647 12.58 -15.18 30.65
N VAL A 648 12.20 -15.26 31.92
CA VAL A 648 10.91 -15.84 32.28
C VAL A 648 9.95 -14.74 32.71
N THR A 649 8.70 -14.86 32.28
CA THR A 649 7.68 -13.87 32.57
C THR A 649 6.32 -14.53 32.67
N VAL A 650 5.71 -14.45 33.85
CA VAL A 650 4.47 -15.16 34.14
C VAL A 650 3.29 -14.22 34.32
N VAL A 651 2.18 -14.56 33.69
CA VAL A 651 0.94 -13.80 33.87
C VAL A 651 -0.12 -14.63 34.59
N GLN A 652 -0.53 -14.16 35.76
CA GLN A 652 -1.58 -14.83 36.52
C GLN A 652 -2.87 -14.03 36.44
N PRO A 653 -3.86 -14.55 35.69
CA PRO A 653 -5.12 -13.85 35.41
C PRO A 653 -6.13 -13.91 36.55
N HIS A 654 -6.89 -12.84 36.71
CA HIS A 654 -8.05 -12.86 37.60
C HIS A 654 -9.11 -13.77 36.99
N VAL A 655 -9.74 -14.58 37.83
CA VAL A 655 -10.87 -15.38 37.36
C VAL A 655 -12.17 -14.74 37.83
N LEU A 656 -13.18 -14.73 36.96
CA LEU A 656 -14.46 -14.08 37.26
C LEU A 656 -15.60 -15.10 37.33
N GLU A 657 -16.17 -15.25 38.53
CA GLU A 657 -17.28 -16.17 38.74
C GLU A 657 -18.48 -15.77 37.89
N SER A 658 -19.10 -16.75 37.23
CA SER A 658 -20.17 -16.46 36.28
C SER A 658 -21.46 -17.23 36.59
N ASP A 659 -22.35 -16.59 37.35
CA ASP A 659 -23.64 -17.19 37.66
C ASP A 659 -24.74 -16.14 37.72
N GLN A 660 -24.63 -15.21 38.66
CA GLN A 660 -25.63 -14.15 38.80
C GLN A 660 -25.24 -12.93 37.97
N ASN A 661 -26.06 -12.65 36.96
CA ASN A 661 -25.79 -11.54 36.04
C ASN A 661 -24.39 -11.57 35.42
N THR A 662 -24.12 -10.58 34.58
CA THR A 662 -22.86 -10.49 33.86
C THR A 662 -21.67 -10.45 34.80
N PRO A 663 -20.58 -11.14 34.41
CA PRO A 663 -19.32 -11.12 35.17
C PRO A 663 -18.74 -9.71 35.16
N VAL A 664 -18.23 -9.26 36.31
CA VAL A 664 -17.68 -7.91 36.40
C VAL A 664 -16.33 -7.89 37.12
N PHE A 665 -15.43 -7.04 36.65
CA PHE A 665 -14.13 -6.87 37.27
C PHE A 665 -13.96 -5.48 37.86
N GLU A 666 -13.77 -5.43 39.18
CA GLU A 666 -13.45 -4.18 39.84
C GLU A 666 -12.14 -4.38 40.59
N PRO A 667 -11.23 -3.41 40.49
CA PRO A 667 -9.98 -3.49 41.25
C PRO A 667 -10.25 -3.69 42.74
N ALA A 668 -9.28 -4.25 43.46
CA ALA A 668 -9.44 -4.50 44.89
C ALA A 668 -9.73 -3.22 45.65
N SER A 669 -10.59 -3.33 46.67
CA SER A 669 -10.97 -2.17 47.47
C SER A 669 -10.11 -2.01 48.72
N SER A 670 -9.60 -0.81 48.93
CA SER A 670 -8.76 -0.50 50.08
C SER A 670 -9.37 0.63 50.89
N LYS A 671 -9.60 0.38 52.17
CA LYS A 671 -10.22 1.36 53.06
C LYS A 671 -11.56 1.83 52.48
N GLY A 672 -12.49 0.90 52.31
CA GLY A 672 -13.79 1.21 51.76
C GLY A 672 -13.80 1.20 50.24
N ASP A 673 -13.67 2.37 49.64
CA ASP A 673 -13.71 2.51 48.19
C ASP A 673 -12.35 2.18 47.57
N ASN A 674 -12.36 1.40 46.50
CA ASN A 674 -11.15 1.07 45.76
C ASN A 674 -10.49 2.30 45.15
N SER A 675 -10.94 2.68 43.96
CA SER A 675 -10.48 3.89 43.29
C SER A 675 -8.96 3.96 43.20
N VAL A 676 -8.42 3.39 42.12
CA VAL A 676 -6.97 3.40 41.89
C VAL A 676 -6.46 4.82 41.69
N GLU A 677 -5.29 5.11 42.26
CA GLU A 677 -4.69 6.43 42.18
C GLU A 677 -3.69 6.55 41.03
N PHE A 678 -3.89 7.54 40.16
CA PHE A 678 -3.03 7.76 39.02
C PHE A 678 -2.13 8.97 39.19
N GLN A 679 -0.94 8.91 38.62
CA GLN A 679 -0.01 10.03 38.59
C GLN A 679 0.61 10.11 37.19
N PRO A 680 1.37 11.18 36.92
CA PRO A 680 2.01 11.32 35.61
C PRO A 680 2.77 10.06 35.18
N ASN A 681 3.08 9.18 36.13
CA ASN A 681 3.76 7.93 35.84
C ASN A 681 2.80 6.75 35.76
N THR A 682 1.95 6.62 36.76
CA THR A 682 1.10 5.46 36.95
C THR A 682 0.61 4.79 35.66
N ILE A 683 0.93 3.50 35.54
CA ILE A 683 0.41 2.65 34.47
C ILE A 683 -0.25 1.41 35.06
N GLN A 684 -1.57 1.43 35.11
CA GLN A 684 -2.32 0.33 35.73
C GLN A 684 -2.62 -0.77 34.71
N ARG A 685 -2.06 -1.96 34.93
CA ARG A 685 -2.31 -3.08 34.03
C ARG A 685 -2.90 -4.29 34.74
N ASP A 686 -4.21 -4.48 34.57
CA ASP A 686 -4.90 -5.62 35.16
C ASP A 686 -5.12 -6.73 34.13
N PHE A 687 -4.65 -7.93 34.46
CA PHE A 687 -4.79 -9.08 33.56
C PHE A 687 -5.99 -9.93 33.94
N ILE A 688 -6.93 -10.09 33.02
CA ILE A 688 -8.17 -10.77 33.30
C ILE A 688 -8.42 -11.91 32.33
N LEU A 689 -8.70 -13.10 32.84
CA LEU A 689 -9.12 -14.21 32.01
C LEU A 689 -10.58 -14.01 31.62
N VAL A 690 -10.83 -13.77 30.34
CA VAL A 690 -12.18 -13.50 29.85
C VAL A 690 -13.12 -14.66 30.11
N PRO A 691 -14.35 -14.36 30.57
CA PRO A 691 -15.36 -15.40 30.78
C PRO A 691 -15.75 -16.05 29.47
N GLU A 692 -16.06 -17.35 29.50
CA GLU A 692 -16.52 -18.02 28.31
C GLU A 692 -17.89 -17.48 27.89
N ARG A 693 -18.18 -17.54 26.59
CA ARG A 693 -19.42 -16.99 26.03
C ARG A 693 -19.36 -15.47 25.90
N ALA A 694 -18.33 -14.85 26.48
CA ALA A 694 -18.16 -13.40 26.42
C ALA A 694 -17.74 -12.93 25.03
N THR A 695 -18.57 -12.11 24.41
CA THR A 695 -18.31 -11.61 23.06
C THR A 695 -17.67 -10.22 23.04
N TRP A 696 -18.16 -9.34 23.92
CA TRP A 696 -17.56 -8.01 24.05
C TRP A 696 -17.51 -7.54 25.50
N ALA A 697 -16.95 -6.35 25.71
CA ALA A 697 -16.77 -5.82 27.06
C ALA A 697 -17.15 -4.35 27.17
N GLU A 698 -17.55 -3.94 28.36
CA GLU A 698 -17.90 -2.55 28.62
C GLU A 698 -17.06 -1.96 29.74
N LEU A 699 -16.34 -0.90 29.44
CA LEU A 699 -15.44 -0.26 30.39
C LEU A 699 -16.03 1.04 30.90
N ARG A 700 -16.45 1.05 32.17
CA ARG A 700 -16.96 2.27 32.79
C ARG A 700 -15.94 2.84 33.77
N ARG A 702 -14.90 6.74 36.09
CA ARG A 702 -15.11 8.15 36.43
C ARG A 702 -14.13 8.58 37.51
N ILE A 703 -13.78 9.87 37.52
CA ILE A 703 -12.83 10.40 38.50
C ILE A 703 -13.51 10.71 39.84
N THR A 704 -12.91 10.20 40.91
CA THR A 704 -13.53 10.27 42.23
C THR A 704 -13.29 11.59 42.98
N ASP A 705 -12.03 11.84 43.35
CA ASP A 705 -11.68 12.99 44.18
C ASP A 705 -12.59 14.20 43.99
N PRO A 706 -13.09 14.75 45.11
CA PRO A 706 -14.11 15.80 45.19
C PRO A 706 -13.80 17.06 44.37
N ASN A 707 -14.86 17.84 44.12
CA ASN A 707 -14.75 19.10 43.37
C ASN A 707 -14.21 18.90 41.96
N ARG A 708 -13.23 19.73 41.59
CA ARG A 708 -12.66 19.70 40.24
C ARG A 708 -13.65 20.22 39.19
N GLY A 709 -14.90 20.40 39.60
CA GLY A 709 -15.92 20.95 38.72
C GLY A 709 -16.26 20.04 37.56
N GLU A 710 -16.42 20.64 36.38
CA GLU A 710 -16.81 19.90 35.19
C GLU A 710 -15.62 19.62 34.28
N ASP A 711 -14.42 19.95 34.75
CA ASP A 711 -13.21 19.75 33.94
C ASP A 711 -13.03 18.28 33.59
N ILE A 712 -12.39 18.03 32.45
CA ILE A 712 -12.25 16.67 31.93
C ILE A 712 -10.81 16.17 32.04
N GLY A 713 -10.67 14.88 32.32
CA GLY A 713 -9.38 14.22 32.32
C GLY A 713 -9.26 13.31 31.11
N LYS A 714 -8.03 13.09 30.66
CA LYS A 714 -7.81 12.25 29.48
C LYS A 714 -6.93 11.04 29.79
N PHE A 715 -7.52 9.86 29.70
CA PHE A 715 -6.79 8.61 29.96
C PHE A 715 -6.60 7.81 28.68
N PHE A 716 -5.51 7.04 28.64
CA PHE A 716 -5.20 6.18 27.50
C PHE A 716 -5.51 4.74 27.86
N VAL A 717 -6.35 4.09 27.05
CA VAL A 717 -6.70 2.69 27.30
C VAL A 717 -6.14 1.79 26.21
N HIS A 718 -5.32 0.82 26.62
CA HIS A 718 -4.75 -0.13 25.67
C HIS A 718 -5.13 -1.55 26.03
N THR A 719 -6.15 -2.08 25.35
CA THR A 719 -6.54 -3.47 25.53
C THR A 719 -5.73 -4.33 24.57
N ASN A 720 -5.34 -5.51 25.03
CA ASN A 720 -4.49 -6.39 24.23
C ASN A 720 -4.65 -7.87 24.59
N GLN A 721 -5.12 -8.66 23.63
CA GLN A 721 -5.22 -10.10 23.79
C GLN A 721 -4.32 -10.80 22.79
N LEU A 722 -3.70 -11.90 23.22
CA LEU A 722 -2.79 -12.63 22.35
C LEU A 722 -3.41 -13.92 21.84
N LEU A 723 -3.63 -13.99 20.54
CA LEU A 723 -4.25 -15.15 19.92
C LEU A 723 -3.19 -16.08 19.30
N PRO A 724 -3.51 -17.38 19.24
CA PRO A 724 -2.60 -18.42 18.74
C PRO A 724 -1.85 -18.01 17.48
N LYS A 725 -0.52 -17.95 17.60
CA LYS A 725 0.35 -17.53 16.50
C LYS A 725 -0.20 -16.37 15.68
N GLN A 726 -0.50 -15.27 16.37
CA GLN A 726 -0.96 -14.06 15.70
C GLN A 726 -0.32 -12.82 16.30
N SER A 727 -0.04 -11.84 15.46
CA SER A 727 0.54 -10.57 15.92
C SER A 727 -0.28 -9.95 17.03
N CYS A 728 0.32 -9.03 17.76
CA CYS A 728 -0.37 -8.37 18.86
C CYS A 728 -1.43 -7.40 18.35
N ARG A 729 -1.43 -7.17 17.04
CA ARG A 729 -2.34 -6.21 16.43
C ARG A 729 -3.61 -6.85 15.88
N LYS A 730 -3.93 -8.04 16.37
CA LYS A 730 -5.09 -8.76 15.85
C LYS A 730 -6.25 -8.84 16.85
N LEU A 731 -6.01 -8.37 18.07
CA LEU A 731 -7.07 -8.21 19.05
C LEU A 731 -6.65 -7.15 20.06
N GLU A 732 -6.66 -5.91 19.61
CA GLU A 732 -6.14 -4.80 20.38
C GLU A 732 -6.91 -3.52 20.11
N THR A 733 -7.08 -2.71 21.16
CA THR A 733 -7.75 -1.42 21.04
C THR A 733 -6.92 -0.35 21.72
N LYS A 735 -7.64 3.56 22.51
CA LYS A 735 -8.53 4.71 22.46
C LYS A 735 -8.23 5.69 23.58
N ILE A 736 -8.12 6.97 23.23
CA ILE A 736 -7.95 8.01 24.24
C ILE A 736 -9.32 8.40 24.79
N VAL A 737 -9.57 8.03 26.04
CA VAL A 737 -10.87 8.27 26.65
C VAL A 737 -10.86 9.50 27.55
N SER A 738 -11.87 10.35 27.38
CA SER A 738 -12.05 11.53 28.23
C SER A 738 -12.95 11.16 29.39
N VAL A 739 -12.46 11.40 30.60
CA VAL A 739 -13.21 11.05 31.81
C VAL A 739 -13.49 12.28 32.67
N GLY A 740 -14.65 12.27 33.33
CA GLY A 740 -15.02 13.38 34.20
C GLY A 740 -15.41 12.89 35.58
N SER A 741 -15.58 13.84 36.51
CA SER A 741 -15.97 13.51 37.87
C SER A 741 -17.47 13.24 37.95
N GLU A 742 -18.22 13.96 37.14
CA GLU A 742 -19.68 13.89 37.12
C GLU A 742 -20.23 12.48 36.87
N ASN A 743 -20.50 12.17 35.60
CA ASN A 743 -21.05 10.86 35.25
C ASN A 743 -20.03 9.92 34.59
N GLU A 744 -20.39 8.64 34.54
CA GLU A 744 -19.45 7.58 34.19
C GLU A 744 -19.27 7.42 32.68
N SER A 745 -18.01 7.37 32.25
CA SER A 745 -17.70 7.18 30.83
C SER A 745 -17.66 5.70 30.46
N ILE A 746 -18.06 5.39 29.23
CA ILE A 746 -18.19 4.00 28.80
C ILE A 746 -17.64 3.75 27.40
N ALA A 748 -16.33 0.48 24.78
CA ALA A 748 -16.46 -0.97 24.62
C ALA A 748 -15.47 -1.50 23.58
N PHE A 749 -15.15 -2.79 23.68
CA PHE A 749 -14.21 -3.41 22.76
C PHE A 749 -14.45 -4.90 22.59
N LYS A 750 -14.10 -5.43 21.43
CA LYS A 750 -14.28 -6.86 21.14
C LYS A 750 -13.42 -7.69 22.09
N VAL A 751 -13.85 -8.94 22.31
CA VAL A 751 -13.24 -9.79 23.32
C VAL A 751 -13.24 -11.25 22.87
N LYS A 752 -12.26 -12.02 23.34
CA LYS A 752 -12.22 -13.45 23.01
C LYS A 752 -12.33 -14.32 24.27
N SER A 753 -13.23 -15.30 24.20
CA SER A 753 -13.63 -16.13 25.35
C SER A 753 -12.52 -16.56 26.31
N GLY A 754 -11.83 -17.64 25.98
CA GLY A 754 -10.99 -18.30 26.97
C GLY A 754 -9.55 -17.84 27.08
N ARG A 755 -9.29 -16.57 26.78
CA ARG A 755 -7.91 -16.09 26.78
C ARG A 755 -7.70 -14.82 27.59
N ILE A 756 -6.52 -14.71 28.19
CA ILE A 756 -6.16 -13.58 29.03
C ILE A 756 -6.25 -12.24 28.30
N LEU A 757 -6.81 -11.24 28.97
CA LEU A 757 -6.95 -9.90 28.41
C LEU A 757 -6.25 -8.88 29.28
N GLU A 758 -5.44 -8.01 28.68
CA GLU A 758 -4.78 -6.96 29.44
C GLU A 758 -5.49 -5.62 29.31
N LEU A 759 -5.93 -5.10 30.45
CA LEU A 759 -6.55 -3.78 30.49
C LEU A 759 -5.56 -2.75 31.03
N CYS A 760 -4.74 -2.21 30.14
CA CYS A 760 -3.72 -1.24 30.53
C CYS A 760 -4.25 0.20 30.42
N ILE A 761 -4.17 0.92 31.53
CA ILE A 761 -4.65 2.31 31.57
C ILE A 761 -3.56 3.26 32.02
N ALA A 762 -3.29 4.28 31.20
CA ALA A 762 -2.27 5.27 31.52
C ALA A 762 -2.90 6.67 31.60
N LYS A 763 -2.09 7.66 31.95
CA LYS A 763 -2.58 9.03 32.05
C LYS A 763 -1.98 9.90 30.94
N TYR A 764 -2.87 10.45 30.11
CA TYR A 764 -2.44 11.27 28.99
C TYR A 764 -2.08 12.68 29.46
N TRP A 765 -3.08 13.57 29.44
CA TRP A 765 -2.92 14.92 29.96
C TRP A 765 -4.14 15.23 30.82
N SER A 766 -3.93 15.97 31.92
CA SER A 766 -4.98 16.05 32.95
C SER A 766 -5.39 17.44 33.40
N ASN A 767 -4.48 18.41 33.33
CA ASN A 767 -4.65 19.70 34.02
C ASN A 767 -4.25 19.58 35.49
N TYR A 768 -3.98 18.35 35.91
CA TYR A 768 -3.58 18.06 37.28
C TYR A 768 -2.29 17.27 37.31
N GLY A 769 -2.13 16.43 38.33
CA GLY A 769 -0.94 15.63 38.49
C GLY A 769 -1.13 14.50 39.47
N GLN A 770 -2.38 14.16 39.73
CA GLN A 770 -2.72 13.06 40.63
C GLN A 770 -4.23 12.90 40.73
N SER A 771 -4.76 11.89 40.06
CA SER A 771 -6.21 11.64 40.05
C SER A 771 -6.54 10.30 40.69
N HIS A 772 -7.83 10.04 40.87
CA HIS A 772 -8.28 8.77 41.44
C HIS A 772 -9.42 8.19 40.62
N LEU A 773 -9.13 7.10 39.92
CA LEU A 773 -10.08 6.52 38.97
C LEU A 773 -10.89 5.38 39.56
N LYS A 774 -12.19 5.39 39.30
CA LYS A 774 -13.09 4.32 39.73
C LYS A 774 -13.66 3.64 38.49
N TYR A 775 -13.17 2.44 38.18
CA TYR A 775 -13.58 1.76 36.96
C TYR A 775 -13.97 0.29 37.15
N SER A 776 -14.65 -0.24 36.14
CA SER A 776 -15.11 -1.62 36.17
C SER A 776 -15.24 -2.18 34.75
N LEU A 777 -15.07 -3.49 34.62
CA LEU A 777 -15.29 -4.16 33.35
C LEU A 777 -16.46 -5.12 33.44
N ARG A 778 -17.48 -4.90 32.62
CA ARG A 778 -18.61 -5.81 32.57
C ARG A 778 -18.53 -6.64 31.28
N PHE A 779 -18.68 -7.95 31.43
CA PHE A 779 -18.58 -8.86 30.29
C PHE A 779 -19.96 -9.30 29.77
N ARG A 780 -20.18 -9.08 28.48
CA ARG A 780 -21.42 -9.48 27.83
C ARG A 780 -21.11 -10.39 26.66
N GLY A 781 -22.12 -11.06 26.12
CA GLY A 781 -21.90 -11.93 24.99
C GLY A 781 -23.13 -12.68 24.49
N VAL A 782 -23.11 -13.00 23.20
CA VAL A 782 -24.16 -13.79 22.56
C VAL A 782 -23.76 -14.08 21.11
N GLU A 783 -23.76 -15.34 20.73
CA GLU A 783 -23.25 -15.75 19.41
C GLU A 783 -23.72 -17.13 18.98
N ALA A 784 -23.35 -17.52 17.78
CA ALA A 784 -23.70 -18.83 17.24
C ALA A 784 -22.64 -19.87 17.61
N HIS A 785 -23.09 -21.03 18.06
CA HIS A 785 -22.18 -22.07 18.53
C HIS A 785 -22.03 -23.23 17.53
N ASN A 786 -23.04 -23.42 16.69
CA ASN A 786 -22.95 -24.47 15.66
C ASN A 786 -21.69 -24.26 14.82
N PRO A 787 -21.13 -25.37 14.31
CA PRO A 787 -19.80 -25.40 13.69
C PRO A 787 -19.59 -24.30 12.66
N ASN A 788 -20.05 -24.53 11.44
CA ASN A 788 -19.75 -23.61 10.35
C ASN A 788 -20.77 -22.50 10.15
N ALA A 789 -21.13 -21.82 11.23
CA ALA A 789 -21.91 -20.60 11.12
C ALA A 789 -20.99 -19.56 10.51
N TYR A 790 -21.49 -18.35 10.30
CA TYR A 790 -20.67 -17.27 9.76
C TYR A 790 -20.17 -17.57 8.35
N VAL A 791 -20.54 -18.74 7.81
CA VAL A 791 -20.25 -19.08 6.42
C VAL A 791 -21.40 -19.88 5.84
N HIS A 793 -23.34 -21.28 2.20
CA HIS A 793 -23.31 -21.54 0.76
C HIS A 793 -24.72 -21.43 0.18
N ALA A 794 -24.83 -20.73 -0.93
CA ALA A 794 -26.13 -20.37 -1.50
C ALA A 794 -26.92 -21.57 -2.01
N GLY A 795 -26.26 -22.71 -2.17
CA GLY A 795 -26.89 -23.89 -2.73
C GLY A 795 -27.03 -25.06 -1.77
N ARG A 796 -26.75 -24.81 -0.49
CA ARG A 796 -26.81 -25.86 0.52
C ARG A 796 -28.09 -25.78 1.33
N GLY A 797 -29.08 -25.06 0.80
CA GLY A 797 -30.36 -24.93 1.46
C GLY A 797 -30.36 -23.83 2.51
N ILE A 798 -31.33 -23.91 3.42
CA ILE A 798 -31.49 -22.90 4.46
C ILE A 798 -30.40 -23.00 5.52
N HIS A 799 -29.86 -21.84 5.89
CA HIS A 799 -28.78 -21.76 6.88
C HIS A 799 -29.34 -21.57 8.28
N LYS A 800 -28.70 -22.17 9.27
CA LYS A 800 -29.16 -22.05 10.65
C LYS A 800 -28.07 -21.51 11.58
N LEU A 801 -28.50 -20.80 12.62
CA LEU A 801 -27.59 -20.27 13.62
C LEU A 801 -28.04 -20.68 15.01
N GLU A 802 -27.25 -21.53 15.67
CA GLU A 802 -27.58 -22.00 17.00
C GLU A 802 -27.03 -21.04 18.07
N ILE A 803 -27.88 -20.09 18.44
CA ILE A 803 -27.47 -18.96 19.27
C ILE A 803 -27.63 -19.21 20.76
N GLU A 804 -26.51 -19.12 21.48
CA GLU A 804 -26.51 -19.18 22.93
C GLU A 804 -25.93 -17.89 23.51
N ALA A 805 -26.64 -17.30 24.45
CA ALA A 805 -26.22 -16.03 25.03
C ALA A 805 -25.62 -16.23 26.42
N LEU A 806 -24.83 -15.25 26.86
CA LEU A 806 -24.26 -15.27 28.20
C LEU A 806 -25.19 -14.58 29.19
N VAL A 807 -25.73 -15.37 30.12
CA VAL A 807 -26.63 -14.87 31.15
C VAL A 807 -27.55 -13.74 30.68
N ALA A 808 -28.43 -14.06 29.74
CA ALA A 808 -29.48 -13.14 29.30
C ALA A 808 -28.99 -11.96 28.46
N GLU A 809 -29.43 -11.93 27.20
CA GLU A 809 -29.15 -10.80 26.31
C GLU A 809 -30.29 -10.62 25.33
N ASP A 810 -30.72 -9.37 25.12
CA ASP A 810 -31.73 -9.08 24.12
C ASP A 810 -31.15 -9.29 22.73
N VAL A 811 -31.50 -10.41 22.11
CA VAL A 811 -30.92 -10.79 20.83
C VAL A 811 -31.71 -10.26 19.64
N GLN A 812 -31.01 -9.57 18.75
CA GLN A 812 -31.63 -8.96 17.57
C GLN A 812 -30.58 -8.83 16.45
N PRO A 813 -30.36 -9.92 15.71
CA PRO A 813 -29.30 -10.02 14.70
C PRO A 813 -29.47 -9.09 13.50
N GLN A 814 -28.35 -8.77 12.86
CA GLN A 814 -28.37 -7.98 11.63
C GLN A 814 -27.18 -8.36 10.74
N LEU A 815 -27.47 -8.71 9.49
CA LEU A 815 -26.44 -9.14 8.55
C LEU A 815 -26.49 -8.32 7.26
N GLN A 816 -25.43 -7.56 7.01
CA GLN A 816 -25.35 -6.75 5.80
C GLN A 816 -24.17 -7.16 4.94
N LEU A 817 -24.46 -7.74 3.78
CA LEU A 817 -23.42 -8.09 2.83
C LEU A 817 -22.96 -6.84 2.08
N LYS A 818 -21.81 -6.32 2.46
CA LYS A 818 -21.37 -5.00 1.98
C LYS A 818 -20.56 -5.02 0.69
N ASN A 819 -19.68 -6.01 0.52
CA ASN A 819 -18.86 -6.07 -0.68
C ASN A 819 -18.68 -7.45 -1.30
N ALA A 820 -18.64 -7.49 -2.63
CA ALA A 820 -18.56 -8.75 -3.37
C ALA A 820 -17.15 -8.98 -3.92
N GLU A 821 -16.57 -10.13 -3.57
CA GLU A 821 -15.20 -10.43 -3.94
C GLU A 821 -15.10 -11.47 -5.06
N VAL A 822 -14.19 -11.24 -6.00
CA VAL A 822 -13.97 -12.18 -7.09
C VAL A 822 -12.53 -12.70 -7.09
N VAL A 823 -12.34 -13.92 -7.58
CA VAL A 823 -11.02 -14.55 -7.56
C VAL A 823 -10.30 -14.39 -8.88
N LEU A 824 -9.08 -13.88 -8.83
CA LEU A 824 -8.25 -13.68 -10.01
C LEU A 824 -7.14 -14.74 -10.07
N LYS A 825 -7.21 -15.60 -11.07
CA LYS A 825 -6.19 -16.63 -11.26
C LYS A 825 -5.03 -16.12 -12.10
N PRO A 826 -3.82 -16.62 -11.83
CA PRO A 826 -2.62 -16.24 -12.58
C PRO A 826 -2.70 -16.71 -14.03
N THR A 827 -2.60 -15.77 -14.97
CA THR A 827 -2.58 -16.13 -16.39
C THR A 827 -1.21 -16.69 -16.75
N GLU A 828 -0.16 -16.03 -16.29
CA GLU A 828 1.21 -16.52 -16.48
C GLU A 828 1.99 -16.48 -15.17
N ALA A 829 3.06 -17.27 -15.10
CA ALA A 829 3.92 -17.30 -13.93
C ALA A 829 5.37 -17.51 -14.34
N LYS A 830 5.99 -16.46 -14.86
CA LYS A 830 7.38 -16.54 -15.31
C LYS A 830 8.37 -16.34 -14.18
N ILE A 831 9.29 -17.28 -14.03
CA ILE A 831 10.38 -17.15 -13.07
C ILE A 831 11.64 -16.71 -13.80
N SER A 832 12.16 -15.55 -13.42
CA SER A 832 13.29 -14.95 -14.13
C SER A 832 14.38 -14.49 -13.17
N PRO A 833 15.64 -14.70 -13.55
CA PRO A 833 16.75 -14.15 -12.76
C PRO A 833 16.77 -12.64 -12.86
N LEU A 834 17.01 -11.96 -11.76
CA LEU A 834 17.10 -10.50 -11.77
C LEU A 834 18.51 -10.05 -12.15
N SER A 835 18.89 -8.87 -11.72
CA SER A 835 20.21 -8.33 -12.02
C SER A 835 21.32 -9.15 -11.35
N ALA A 836 22.47 -9.21 -12.01
CA ALA A 836 23.65 -9.84 -11.42
C ALA A 836 24.48 -8.76 -10.74
N THR A 837 24.19 -7.50 -11.08
CA THR A 837 24.87 -6.36 -10.48
C THR A 837 24.26 -5.98 -9.15
N ARG A 838 22.95 -5.73 -9.15
CA ARG A 838 22.26 -5.31 -7.93
C ARG A 838 21.83 -6.48 -7.06
N ASP A 839 20.86 -7.24 -7.54
CA ASP A 839 20.18 -8.25 -6.72
C ASP A 839 20.93 -9.59 -6.64
N VAL A 840 22.06 -9.57 -5.94
CA VAL A 840 22.82 -10.78 -5.67
C VAL A 840 23.44 -10.74 -4.28
N ILE A 841 22.89 -11.53 -3.36
CA ILE A 841 23.41 -11.58 -2.01
C ILE A 841 24.69 -12.41 -1.97
N PRO A 842 25.78 -11.81 -1.47
CA PRO A 842 27.07 -12.50 -1.35
C PRO A 842 26.95 -13.82 -0.59
N ASP A 843 27.67 -14.85 -1.05
CA ASP A 843 28.54 -14.74 -2.22
C ASP A 843 28.09 -15.64 -3.36
N GLY A 844 27.45 -15.06 -4.36
CA GLY A 844 27.02 -15.81 -5.52
C GLY A 844 25.58 -16.24 -5.45
N ARG A 845 24.82 -15.63 -4.55
CA ARG A 845 23.39 -15.93 -4.43
C ARG A 845 22.56 -14.98 -5.28
N GLN A 846 22.24 -15.41 -6.50
CA GLN A 846 21.40 -14.64 -7.40
C GLN A 846 19.94 -14.68 -6.95
N VAL A 847 19.31 -13.52 -6.89
CA VAL A 847 17.92 -13.42 -6.48
C VAL A 847 16.98 -13.42 -7.68
N TYR A 848 16.12 -14.44 -7.76
CA TYR A 848 15.18 -14.56 -8.87
C TYR A 848 13.81 -14.00 -8.53
N GLN A 849 13.03 -13.68 -9.55
CA GLN A 849 11.68 -13.19 -9.35
C GLN A 849 10.69 -14.11 -10.05
N ASN A 850 9.57 -14.37 -9.40
CA ASN A 850 8.47 -15.06 -10.06
C ASN A 850 7.37 -14.05 -10.37
N LEU A 851 7.22 -13.72 -11.64
CA LEU A 851 6.27 -12.69 -12.05
C LEU A 851 4.93 -13.32 -12.41
N LEU A 852 3.90 -13.02 -11.63
CA LEU A 852 2.56 -13.53 -11.88
C LEU A 852 1.68 -12.44 -12.51
N ALA A 853 1.02 -12.78 -13.60
CA ALA A 853 0.15 -11.83 -14.29
C ALA A 853 -1.31 -12.10 -13.99
N PHE A 854 -2.11 -11.04 -13.95
CA PHE A 854 -3.53 -11.16 -13.62
C PHE A 854 -4.38 -10.21 -14.46
N ASN A 855 -5.64 -10.58 -14.66
CA ASN A 855 -6.58 -9.73 -15.38
C ASN A 855 -7.78 -9.38 -14.51
N LEU A 856 -7.96 -8.08 -14.24
CA LEU A 856 -9.15 -7.61 -13.57
C LEU A 856 -10.02 -6.85 -14.55
N ASN A 857 -11.33 -6.87 -14.35
CA ASN A 857 -12.25 -6.30 -15.32
C ASN A 857 -13.45 -5.62 -14.69
N VAL A 858 -13.36 -4.30 -14.52
CA VAL A 858 -14.47 -3.53 -13.96
C VAL A 858 -15.50 -3.19 -15.03
N ALA A 859 -16.76 -3.48 -14.75
CA ALA A 859 -17.85 -3.17 -15.67
C ALA A 859 -18.56 -1.90 -15.24
N LYS A 860 -18.75 -1.77 -13.93
CA LYS A 860 -19.33 -0.56 -13.36
C LYS A 860 -18.39 -0.02 -12.29
N ALA A 861 -18.18 1.29 -12.30
CA ALA A 861 -17.25 1.94 -11.38
C ALA A 861 -17.60 1.64 -9.93
N ALA A 862 -16.59 1.23 -9.16
CA ALA A 862 -16.78 0.95 -7.74
C ALA A 862 -15.44 0.92 -7.00
N ASP A 863 -15.49 1.12 -5.69
CA ASP A 863 -14.29 1.05 -4.86
C ASP A 863 -13.83 -0.40 -4.76
N VAL A 864 -12.58 -0.65 -5.11
CA VAL A 864 -12.06 -2.01 -5.15
C VAL A 864 -10.77 -2.15 -4.36
N SER A 865 -10.67 -3.22 -3.58
CA SER A 865 -9.42 -3.54 -2.90
C SER A 865 -8.84 -4.80 -3.52
N ILE A 866 -7.52 -4.86 -3.62
CA ILE A 866 -6.85 -6.01 -4.22
C ILE A 866 -5.84 -6.59 -3.24
N TYR A 867 -5.85 -7.90 -3.07
CA TYR A 867 -4.90 -8.54 -2.17
C TYR A 867 -4.58 -9.98 -2.55
N ALA A 868 -3.41 -10.45 -2.11
CA ALA A 868 -2.96 -11.81 -2.37
C ALA A 868 -2.98 -12.61 -1.08
N PRO A 869 -4.04 -13.42 -0.90
CA PRO A 869 -4.28 -14.16 0.34
C PRO A 869 -3.02 -14.78 0.95
N ILE A 870 -2.28 -15.56 0.17
CA ILE A 870 -1.13 -16.28 0.70
C ILE A 870 0.04 -15.40 1.13
N PHE A 871 0.10 -14.18 0.62
CA PHE A 871 1.21 -13.28 0.95
C PHE A 871 0.80 -12.17 1.90
N ASN A 872 -0.40 -11.63 1.70
CA ASN A 872 -0.96 -10.65 2.63
C ASN A 872 -0.93 -11.23 4.03
N ASP A 873 -0.87 -10.36 5.03
CA ASP A 873 -0.86 -10.76 6.45
C ASP A 873 0.57 -10.95 6.97
N LEU A 874 1.50 -11.17 6.07
CA LEU A 874 2.91 -11.34 6.44
C LEU A 874 3.79 -10.33 5.72
N LEU A 875 4.61 -9.60 6.48
CA LEU A 875 5.57 -8.68 5.91
C LEU A 875 6.97 -9.23 6.19
N TYR A 876 7.38 -9.16 7.45
CA TYR A 876 8.53 -9.92 7.91
C TYR A 876 8.04 -11.35 8.08
N GLU A 877 8.81 -12.15 8.81
CA GLU A 877 8.39 -13.51 9.17
C GLU A 877 7.78 -14.35 8.04
N ALA A 878 7.93 -13.89 6.79
CA ALA A 878 7.43 -14.65 5.65
C ALA A 878 8.58 -15.38 4.96
N GLU A 879 8.25 -16.45 4.26
CA GLU A 879 9.27 -17.25 3.58
C GLU A 879 9.86 -16.50 2.39
N PHE A 880 9.02 -15.71 1.72
CA PHE A 880 9.46 -14.93 0.57
C PHE A 880 9.70 -13.50 0.97
N GLU A 881 10.57 -12.82 0.22
CA GLU A 881 11.00 -11.46 0.56
C GLU A 881 10.26 -10.38 -0.23
N SER A 882 9.13 -10.74 -0.81
CA SER A 882 8.45 -9.80 -1.70
C SER A 882 6.98 -10.15 -1.99
N GLN A 883 6.18 -9.10 -2.15
CA GLN A 883 4.84 -9.23 -2.70
C GLN A 883 4.70 -8.15 -3.76
N TRP A 885 2.03 -5.80 -5.65
CA TRP A 885 1.31 -5.91 -6.89
C TRP A 885 1.05 -4.50 -7.40
N LEU A 887 -1.46 -2.44 -10.06
CA LEU A 887 -2.61 -2.41 -10.95
C LEU A 887 -2.33 -1.45 -12.10
N PHE A 888 -2.36 -1.98 -13.32
CA PHE A 888 -2.07 -1.17 -14.49
C PHE A 888 -3.30 -0.87 -15.34
N ASP A 889 -3.27 0.28 -16.00
CA ASP A 889 -4.35 0.73 -16.84
C ASP A 889 -4.39 -0.10 -18.12
N ALA A 890 -5.39 0.15 -18.95
CA ALA A 890 -5.46 -0.47 -20.26
C ALA A 890 -4.36 0.11 -21.14
N ASN A 891 -3.85 1.27 -20.73
CA ASN A 891 -2.84 1.99 -21.49
C ASN A 891 -1.44 1.84 -20.89
N LYS A 892 -1.31 0.89 -19.97
CA LYS A 892 -0.03 0.61 -19.30
C LYS A 892 0.27 1.60 -18.18
N ALA A 893 -0.64 2.53 -17.95
CA ALA A 893 -0.48 3.48 -16.85
C ALA A 893 -0.55 2.74 -15.52
N LEU A 894 -0.16 3.42 -14.45
CA LEU A 894 -0.28 2.84 -13.12
C LEU A 894 -1.49 3.39 -12.39
N VAL A 895 -2.36 2.49 -11.96
CA VAL A 895 -3.60 2.89 -11.30
C VAL A 895 -3.47 2.77 -9.79
N ALA A 896 -2.77 1.72 -9.36
CA ALA A 896 -2.59 1.45 -7.94
C ALA A 896 -1.41 0.51 -7.70
N THR A 897 -1.05 0.33 -6.44
CA THR A 897 0.08 -0.53 -6.08
C THR A 897 0.04 -0.84 -4.59
N GLY A 898 0.07 -2.12 -4.26
CA GLY A 898 -0.04 -2.55 -2.87
C GLY A 898 1.02 -3.55 -2.42
N ASP A 899 0.93 -3.93 -1.15
CA ASP A 899 1.85 -4.88 -0.55
C ASP A 899 1.10 -5.64 0.53
N ALA A 900 1.78 -5.98 1.62
CA ALA A 900 1.14 -6.65 2.74
C ALA A 900 0.05 -5.77 3.34
N HIS A 901 -1.06 -6.37 3.73
CA HIS A 901 -2.17 -5.66 4.34
C HIS A 901 -2.79 -4.65 3.37
N SER A 902 -3.11 -5.10 2.17
CA SER A 902 -3.70 -4.24 1.15
C SER A 902 -5.20 -4.49 1.05
N HIS A 903 -5.67 -5.53 1.72
CA HIS A 903 -7.09 -5.89 1.72
C HIS A 903 -7.94 -4.74 2.24
N THR A 904 -7.30 -3.73 2.83
CA THR A 904 -8.00 -2.65 3.48
C THR A 904 -8.05 -1.38 2.62
N SER A 905 -7.07 -1.25 1.72
CA SER A 905 -7.00 -0.08 0.84
C SER A 905 -7.94 -0.26 -0.35
N PHE A 906 -8.77 0.76 -0.60
CA PHE A 906 -9.73 0.68 -1.70
C PHE A 906 -9.48 1.74 -2.79
N THR A 907 -8.92 1.30 -3.91
CA THR A 907 -8.73 2.15 -5.07
C THR A 907 -9.99 2.16 -5.93
N LYS A 908 -10.57 3.33 -6.14
CA LYS A 908 -11.78 3.44 -6.95
C LYS A 908 -11.46 3.38 -8.44
N LEU A 909 -12.04 2.39 -9.13
CA LEU A 909 -11.74 2.14 -10.53
C LEU A 909 -12.92 2.47 -11.45
N ASP A 910 -12.62 3.01 -12.62
CA ASP A 910 -13.62 3.21 -13.66
C ASP A 910 -13.73 1.93 -14.47
N LYS A 911 -14.83 1.77 -15.18
CA LYS A 911 -15.02 0.57 -15.98
C LYS A 911 -13.90 0.44 -17.01
N GLY A 912 -13.62 -0.79 -17.42
CA GLY A 912 -12.54 -1.06 -18.35
C GLY A 912 -11.70 -2.24 -17.90
N GLU A 913 -10.78 -2.68 -18.75
CA GLU A 913 -9.96 -3.84 -18.44
C GLU A 913 -8.60 -3.44 -17.87
N TYR A 914 -8.27 -3.97 -16.70
CA TYR A 914 -7.00 -3.67 -16.05
C TYR A 914 -6.07 -4.88 -16.05
N THR A 915 -4.81 -4.64 -15.69
CA THR A 915 -3.82 -5.69 -15.56
C THR A 915 -3.22 -5.60 -14.17
N ILE A 916 -2.83 -6.74 -13.61
CA ILE A 916 -2.15 -6.74 -12.33
C ILE A 916 -0.90 -7.62 -12.38
N ARG A 917 0.22 -7.06 -11.92
CA ARG A 917 1.46 -7.81 -11.86
C ARG A 917 1.89 -8.04 -10.43
N LEU A 918 2.31 -9.27 -10.14
CA LEU A 918 2.70 -9.67 -8.80
C LEU A 918 4.12 -10.20 -8.86
N GLN A 919 5.03 -9.60 -8.09
CA GLN A 919 6.43 -10.02 -8.10
C GLN A 919 6.85 -10.64 -6.78
N VAL A 920 7.31 -11.89 -6.82
CA VAL A 920 7.76 -12.58 -5.61
C VAL A 920 9.24 -12.96 -5.69
N ARG A 921 10.05 -12.36 -4.83
CA ARG A 921 11.49 -12.57 -4.84
C ARG A 921 11.96 -13.66 -3.87
N HIS A 922 13.05 -14.32 -4.25
CA HIS A 922 13.69 -15.32 -3.39
C HIS A 922 14.95 -15.81 -4.11
N GLU A 923 15.83 -16.48 -3.38
CA GLU A 923 17.08 -16.95 -3.98
C GLU A 923 17.02 -18.41 -4.40
N LYS A 924 16.01 -19.13 -3.89
CA LYS A 924 15.81 -20.53 -4.25
C LYS A 924 14.66 -20.66 -5.24
N ARG A 925 14.99 -20.80 -6.52
CA ARG A 925 13.99 -20.87 -7.58
C ARG A 925 12.90 -21.90 -7.31
N ASP A 926 13.29 -23.12 -6.96
CA ASP A 926 12.33 -24.21 -6.77
C ASP A 926 11.33 -23.93 -5.66
N LEU A 927 11.52 -22.83 -4.93
CA LEU A 927 10.54 -22.40 -3.93
C LEU A 927 9.56 -21.40 -4.55
N LEU A 928 10.04 -20.64 -5.53
CA LEU A 928 9.17 -19.71 -6.26
C LEU A 928 8.15 -20.49 -7.09
N GLU A 929 8.51 -21.71 -7.49
CA GLU A 929 7.64 -22.53 -8.31
C GLU A 929 6.39 -22.97 -7.55
N LYS A 930 6.51 -23.10 -6.23
CA LYS A 930 5.39 -23.50 -5.38
C LYS A 930 4.36 -22.37 -5.33
N ILE A 931 4.77 -21.19 -5.77
CA ILE A 931 3.94 -19.98 -5.70
C ILE A 931 3.20 -19.71 -7.01
N SER A 932 3.54 -20.47 -8.04
CA SER A 932 3.08 -20.18 -9.40
C SER A 932 1.56 -20.16 -9.60
N GLU A 933 0.82 -20.81 -8.70
CA GLU A 933 -0.63 -20.87 -8.84
C GLU A 933 -1.35 -19.86 -7.95
N ALA A 934 -0.58 -19.08 -7.20
CA ALA A 934 -1.14 -18.12 -6.24
C ALA A 934 -2.13 -17.16 -6.89
N ASN A 935 -3.36 -17.15 -6.38
CA ASN A 935 -4.41 -16.28 -6.90
C ASN A 935 -4.50 -14.94 -6.17
N LEU A 936 -5.30 -14.04 -6.70
CA LEU A 936 -5.56 -12.76 -6.06
C LEU A 936 -7.04 -12.65 -5.72
N VAL A 937 -7.40 -11.63 -4.96
CA VAL A 937 -8.80 -11.38 -4.64
C VAL A 937 -9.12 -9.91 -4.83
N ALA A 938 -10.26 -9.64 -5.45
CA ALA A 938 -10.71 -8.27 -5.66
C ALA A 938 -12.04 -8.04 -4.96
N SER A 939 -12.04 -7.18 -3.94
CA SER A 939 -13.26 -6.89 -3.19
C SER A 939 -13.94 -5.62 -3.70
N PHE A 940 -15.05 -5.80 -4.41
CA PHE A 940 -15.85 -4.68 -4.89
C PHE A 940 -16.81 -4.20 -3.80
N LYS A 941 -16.68 -2.95 -3.39
CA LYS A 941 -17.64 -2.36 -2.46
C LYS A 941 -19.00 -2.25 -3.15
N LEU A 942 -20.01 -2.89 -2.59
CA LEU A 942 -21.35 -2.83 -3.15
C LEU A 942 -22.05 -1.52 -2.78
N THR A 943 -22.61 -0.86 -3.77
CA THR A 943 -23.37 0.36 -3.54
C THR A 943 -24.50 0.10 -2.57
N SER A 944 -25.25 -0.97 -2.84
CA SER A 944 -26.38 -1.35 -2.00
C SER A 944 -26.10 -2.63 -1.22
N PRO A 945 -25.75 -2.47 0.07
CA PRO A 945 -25.50 -3.63 0.94
C PRO A 945 -26.73 -4.51 1.08
N LEU A 946 -26.61 -5.77 0.66
CA LEU A 946 -27.71 -6.71 0.76
C LEU A 946 -28.02 -7.08 2.21
N THR A 947 -29.25 -6.83 2.65
CA THR A 947 -29.63 -7.08 4.03
C THR A 947 -30.42 -8.38 4.13
N LEU A 948 -29.95 -9.30 4.97
CA LEU A 948 -30.57 -10.61 5.11
C LEU A 948 -31.52 -10.67 6.31
N ASP A 949 -32.67 -11.31 6.11
CA ASP A 949 -33.69 -11.43 7.16
C ASP A 949 -33.50 -12.72 7.95
N PHE A 950 -33.99 -12.73 9.18
CA PHE A 950 -33.91 -13.92 10.03
C PHE A 950 -35.29 -14.49 10.34
N TYR A 951 -35.34 -15.78 10.64
CA TYR A 951 -36.59 -16.44 11.00
C TYR A 951 -36.39 -17.35 12.21
N GLU A 952 -37.43 -17.50 13.02
CA GLU A 952 -37.33 -18.34 14.22
C GLU A 952 -37.88 -19.74 13.96
N ASN A 953 -38.79 -19.84 12.99
CA ASN A 953 -39.37 -21.13 12.62
C ASN A 953 -38.94 -21.52 11.21
N TYR A 954 -38.33 -22.70 11.08
CA TYR A 954 -37.82 -23.16 9.80
C TYR A 954 -38.86 -23.06 8.69
N ASN A 955 -40.01 -23.69 8.93
CA ASN A 955 -41.10 -23.70 7.95
C ASN A 955 -41.55 -22.30 7.54
N GLN A 956 -41.46 -21.36 8.49
CA GLN A 956 -41.81 -19.98 8.21
C GLN A 956 -40.72 -19.34 7.35
N CYS A 957 -39.52 -19.91 7.42
CA CYS A 957 -38.38 -19.38 6.67
C CYS A 957 -38.42 -19.83 5.21
N ILE A 958 -38.66 -21.11 4.98
CA ILE A 958 -38.68 -21.68 3.64
C ILE A 958 -39.70 -20.97 2.75
N VAL A 959 -40.75 -20.42 3.37
CA VAL A 959 -41.79 -19.72 2.66
C VAL A 959 -41.64 -18.20 2.77
N GLY A 960 -40.75 -17.77 3.68
CA GLY A 960 -40.48 -16.36 3.86
C GLY A 960 -41.66 -15.57 4.39
N GLY A 961 -42.29 -16.07 5.45
CA GLY A 961 -43.41 -15.38 6.06
C GLY A 961 -42.98 -14.60 7.30
N ARG A 962 -43.64 -14.86 8.41
CA ARG A 962 -43.29 -14.24 9.69
C ARG A 962 -41.78 -14.24 9.90
N LYS A 963 -41.22 -13.05 10.05
CA LYS A 963 -39.79 -12.93 10.36
C LYS A 963 -39.55 -13.07 11.86
N TYR A 964 -38.27 -13.17 12.24
CA TYR A 964 -37.91 -13.31 13.65
C TYR A 964 -38.25 -12.05 14.43
N VAL A 965 -38.78 -12.23 15.64
CA VAL A 965 -39.15 -11.11 16.49
C VAL A 965 -38.21 -11.00 17.68
N SER A 966 -37.56 -9.85 17.81
CA SER A 966 -36.60 -9.59 18.88
C SER A 966 -37.15 -10.03 20.23
N SER A 967 -36.27 -10.57 21.08
CA SER A 967 -36.66 -10.93 22.43
C SER A 967 -35.42 -11.29 23.26
N PRO A 968 -35.53 -11.20 24.59
CA PRO A 968 -34.43 -11.60 25.47
C PRO A 968 -34.17 -13.10 25.39
N LEU A 969 -32.94 -13.52 25.65
CA LEU A 969 -32.58 -14.93 25.66
C LEU A 969 -31.70 -15.22 26.85
N ARG A 970 -32.21 -16.00 27.80
CA ARG A 970 -31.43 -16.35 28.98
C ARG A 970 -30.70 -17.68 28.75
N LEU A 971 -30.69 -18.56 29.74
CA LEU A 971 -29.93 -19.80 29.63
C LEU A 971 -30.65 -20.86 28.80
N SER A 972 -30.74 -20.61 27.49
CA SER A 972 -31.28 -21.58 26.55
C SER A 972 -30.63 -21.40 25.18
N THR A 973 -31.01 -22.25 24.24
CA THR A 973 -30.47 -22.16 22.88
C THR A 973 -31.56 -21.75 21.90
N ARG A 974 -31.30 -20.68 21.14
CA ARG A 974 -32.26 -20.21 20.14
C ARG A 974 -31.72 -20.43 18.72
N VAL A 975 -32.54 -21.05 17.89
CA VAL A 975 -32.12 -21.37 16.53
C VAL A 975 -32.80 -20.45 15.52
N LEU A 976 -31.99 -19.69 14.79
CA LEU A 976 -32.51 -18.83 13.73
C LEU A 976 -32.13 -19.36 12.36
N TYR A 977 -32.82 -18.91 11.33
CA TYR A 977 -32.59 -19.41 9.98
C TYR A 977 -32.48 -18.28 8.96
N ILE A 978 -31.60 -18.47 7.99
CA ILE A 978 -31.49 -17.55 6.86
C ILE A 978 -31.65 -18.33 5.57
N ALA A 979 -32.67 -17.98 4.79
CA ALA A 979 -32.91 -18.64 3.51
C ALA A 979 -32.08 -17.99 2.41
N PRO A 980 -31.59 -18.81 1.47
CA PRO A 980 -30.77 -18.36 0.34
C PRO A 980 -31.33 -17.12 -0.35
N ILE A 981 -30.46 -16.27 -0.85
CA ILE A 981 -30.87 -15.03 -1.49
C ILE A 981 -31.50 -15.31 -2.84
N THR A 982 -32.64 -14.67 -3.11
CA THR A 982 -33.37 -14.88 -4.36
C THR A 982 -32.55 -14.40 -5.56
N GLN A 983 -32.78 -14.99 -6.72
CA GLN A 983 -32.01 -14.66 -7.91
C GLN A 983 -32.20 -13.21 -8.35
N GLU A 984 -33.44 -12.72 -8.26
CA GLU A 984 -33.73 -11.36 -8.67
C GLU A 984 -32.93 -10.34 -7.86
N ARG A 985 -32.92 -10.50 -6.54
CA ARG A 985 -32.24 -9.56 -5.67
C ARG A 985 -30.72 -9.55 -5.89
N LEU A 986 -30.21 -10.56 -6.59
CA LEU A 986 -28.78 -10.65 -6.86
C LEU A 986 -28.36 -9.87 -8.11
N THR A 987 -29.15 -9.97 -9.17
CA THR A 987 -28.84 -9.27 -10.40
C THR A 987 -29.11 -7.78 -10.24
N LYS A 988 -30.00 -7.42 -9.31
CA LYS A 988 -30.28 -6.03 -9.01
C LYS A 988 -29.24 -5.46 -8.05
N ALA A 989 -28.38 -6.34 -7.54
CA ALA A 989 -27.26 -5.94 -6.72
C ALA A 989 -26.07 -5.61 -7.60
N ASN A 990 -26.24 -5.83 -8.91
CA ASN A 990 -25.20 -5.57 -9.89
C ASN A 990 -23.84 -6.10 -9.45
N LEU A 991 -23.78 -7.40 -9.22
CA LEU A 991 -22.55 -8.04 -8.78
C LEU A 991 -21.51 -8.06 -9.89
N PRO A 992 -20.23 -8.18 -9.53
CA PRO A 992 -19.14 -8.25 -10.49
C PRO A 992 -19.14 -9.58 -11.25
N ALA A 993 -18.25 -9.69 -12.23
CA ALA A 993 -18.04 -10.93 -12.94
C ALA A 993 -16.57 -11.30 -12.84
N GLN A 994 -16.29 -12.51 -12.32
CA GLN A 994 -17.35 -13.41 -11.86
C GLN A 994 -17.27 -13.62 -10.36
N CYS A 995 -18.20 -12.99 -9.65
CA CYS A 995 -18.22 -13.02 -8.19
C CYS A 995 -18.09 -14.43 -7.63
N ALA A 996 -17.33 -14.57 -6.56
CA ALA A 996 -17.16 -15.85 -5.89
C ALA A 996 -18.00 -15.93 -4.62
N TRP A 997 -17.90 -14.89 -3.79
CA TRP A 997 -18.70 -14.82 -2.57
C TRP A 997 -18.98 -13.37 -2.18
N LEU A 998 -19.97 -13.19 -1.30
CA LEU A 998 -20.22 -11.89 -0.69
C LEU A 998 -19.76 -11.95 0.75
N SER A 999 -19.31 -10.82 1.28
CA SER A 999 -18.84 -10.78 2.66
C SER A 999 -19.41 -9.60 3.43
N GLY A 1000 -19.59 -9.78 4.73
CA GLY A 1000 -20.14 -8.74 5.59
C GLY A 1000 -19.93 -9.11 7.05
N ASN A 1001 -20.64 -8.42 7.93
CA ASN A 1001 -20.51 -8.69 9.36
C ASN A 1001 -21.85 -9.05 10.00
N LEU A 1002 -21.83 -10.16 10.75
CA LEU A 1002 -23.02 -10.63 11.45
C LEU A 1002 -23.02 -10.14 12.89
N VAL A 1003 -24.11 -9.51 13.30
CA VAL A 1003 -24.24 -8.97 14.64
C VAL A 1003 -25.37 -9.68 15.40
N PHE A 1004 -25.17 -9.90 16.70
CA PHE A 1004 -26.15 -10.62 17.49
C PHE A 1004 -26.90 -9.74 18.50
N PRO A 1005 -26.17 -9.03 19.36
CA PRO A 1005 -26.81 -8.27 20.45
C PRO A 1005 -27.64 -7.09 19.96
N GLN A 1006 -28.65 -6.72 20.73
CA GLN A 1006 -29.49 -5.57 20.39
C GLN A 1006 -28.81 -4.26 20.79
N ASP A 1007 -28.14 -4.29 21.94
CA ASP A 1007 -27.39 -3.15 22.43
C ASP A 1007 -26.60 -2.50 21.30
N GLU A 1008 -26.95 -1.26 20.97
CA GLU A 1008 -26.38 -0.59 19.81
C GLU A 1008 -24.87 -0.45 19.86
N VAL A 1009 -24.33 -0.22 21.06
CA VAL A 1009 -22.88 -0.09 21.21
C VAL A 1009 -22.20 -1.45 21.05
N GLY A 1010 -22.87 -2.50 21.51
CA GLY A 1010 -22.35 -3.85 21.37
C GLY A 1010 -22.34 -4.30 19.92
N ARG A 1011 -23.09 -3.59 19.08
CA ARG A 1011 -23.16 -3.90 17.66
C ARG A 1011 -21.96 -3.37 16.88
N ARG A 1012 -21.50 -2.19 17.27
CA ARG A 1012 -20.40 -1.55 16.55
C ARG A 1012 -19.07 -2.28 16.80
N VAL A 1013 -19.05 -3.13 17.81
CA VAL A 1013 -17.81 -3.76 18.25
C VAL A 1013 -17.82 -5.28 18.11
N ALA A 1014 -18.94 -5.89 18.50
CA ALA A 1014 -19.05 -7.35 18.50
C ALA A 1014 -19.41 -7.88 17.12
N GLN A 1015 -18.53 -7.63 16.15
CA GLN A 1015 -18.79 -8.04 14.78
C GLN A 1015 -18.14 -9.38 14.41
N HIS A 1016 -18.90 -10.22 13.73
CA HIS A 1016 -18.41 -11.52 13.28
C HIS A 1016 -18.32 -11.55 11.76
N PRO A 1017 -17.12 -11.78 11.23
CA PRO A 1017 -16.92 -11.89 9.78
C PRO A 1017 -17.82 -12.96 9.18
N PHE A 1018 -18.68 -12.56 8.25
CA PHE A 1018 -19.59 -13.50 7.61
C PHE A 1018 -19.28 -13.60 6.12
N THR A 1019 -19.52 -14.78 5.55
CA THR A 1019 -19.25 -15.00 4.13
C THR A 1019 -20.32 -15.86 3.45
N TYR A 1020 -20.80 -15.38 2.30
CA TYR A 1020 -21.87 -16.02 1.55
C TYR A 1020 -21.35 -16.42 0.19
N ILE A 1021 -21.06 -17.70 -0.01
CA ILE A 1021 -20.42 -18.14 -1.24
C ILE A 1021 -21.44 -18.47 -2.33
N LEU A 1022 -21.16 -18.03 -3.55
CA LEU A 1022 -22.08 -18.20 -4.67
C LEU A 1022 -21.82 -19.52 -5.40
N ASN A 1023 -22.87 -20.06 -6.03
CA ASN A 1023 -22.71 -21.24 -6.86
C ASN A 1023 -22.42 -20.88 -8.31
N PRO A 1024 -21.63 -21.71 -9.00
CA PRO A 1024 -21.15 -21.52 -10.38
C PRO A 1024 -22.26 -21.17 -11.37
N ALA A 1025 -21.88 -20.60 -12.51
CA ALA A 1025 -22.83 -20.04 -13.46
C ALA A 1025 -23.20 -20.96 -14.63
N GLU A 1026 -22.78 -20.56 -15.83
CA GLU A 1026 -23.18 -21.21 -17.08
C GLU A 1026 -24.62 -20.88 -17.46
N GLY A 1099 -32.51 -29.11 -42.33
CA GLY A 1099 -33.82 -28.81 -42.88
C GLY A 1099 -33.79 -28.78 -44.40
N LYS A 1100 -32.78 -29.43 -44.97
CA LYS A 1100 -32.58 -29.46 -46.43
C LYS A 1100 -32.74 -28.10 -47.10
N ALA A 1101 -31.64 -27.36 -47.16
CA ALA A 1101 -31.63 -26.02 -47.75
C ALA A 1101 -32.12 -26.02 -49.19
N ASN A 1102 -32.64 -24.87 -49.61
CA ASN A 1102 -33.16 -24.69 -50.96
C ASN A 1102 -32.33 -23.67 -51.71
N ALA A 1103 -32.35 -23.73 -53.04
CA ALA A 1103 -31.61 -22.75 -53.85
C ALA A 1103 -31.94 -21.32 -53.41
N ASP A 1104 -33.12 -21.16 -52.83
CA ASP A 1104 -33.53 -19.89 -52.25
C ASP A 1104 -32.77 -19.67 -50.93
N ASP A 1105 -32.78 -20.69 -50.08
CA ASP A 1105 -32.06 -20.64 -48.81
C ASP A 1105 -30.57 -20.38 -49.06
N TYR A 1106 -30.06 -20.98 -50.13
CA TYR A 1106 -28.67 -20.78 -50.52
C TYR A 1106 -28.45 -19.32 -50.90
N ALA A 1107 -29.48 -18.72 -51.50
CA ALA A 1107 -29.40 -17.32 -51.90
C ALA A 1107 -29.21 -16.41 -50.69
N GLU A 1108 -29.98 -16.67 -49.65
CA GLU A 1108 -29.87 -15.90 -48.41
C GLU A 1108 -28.54 -16.17 -47.73
N SER A 1109 -28.11 -17.43 -47.77
CA SER A 1109 -26.84 -17.83 -47.15
C SER A 1109 -25.65 -17.25 -47.90
N PHE A 1110 -25.83 -17.00 -49.19
CA PHE A 1110 -24.76 -16.50 -50.04
C PHE A 1110 -24.57 -14.99 -49.93
N ARG A 1111 -25.67 -14.27 -49.72
CA ARG A 1111 -25.58 -12.83 -49.51
C ARG A 1111 -24.87 -12.53 -48.19
N ASP A 1112 -25.28 -13.24 -47.14
CA ASP A 1112 -24.68 -13.05 -45.82
C ASP A 1112 -23.20 -13.36 -45.85
N PHE A 1113 -22.83 -14.43 -46.57
CA PHE A 1113 -21.42 -14.77 -46.73
C PHE A 1113 -20.67 -13.66 -47.45
N GLN A 1114 -21.31 -13.07 -48.45
CA GLN A 1114 -20.71 -11.97 -49.20
C GLN A 1114 -20.61 -10.71 -48.36
N CYS A 1115 -21.72 -10.31 -47.74
CA CYS A 1115 -21.73 -9.12 -46.88
C CYS A 1115 -20.65 -9.22 -45.80
N SER A 1116 -20.53 -10.39 -45.18
CA SER A 1116 -19.54 -10.61 -44.13
C SER A 1116 -18.13 -10.36 -44.66
N GLN A 1117 -17.97 -10.46 -45.97
CA GLN A 1117 -16.66 -10.31 -46.60
C GLN A 1117 -16.34 -8.86 -46.95
N ILE A 1118 -17.30 -8.17 -47.58
CA ILE A 1118 -17.05 -6.84 -48.15
C ILE A 1118 -16.48 -5.82 -47.17
N VAL A 1119 -16.48 -6.14 -45.89
CA VAL A 1119 -15.99 -5.22 -44.87
C VAL A 1119 -14.50 -5.42 -44.59
N LYS A 1120 -14.00 -6.62 -44.85
CA LYS A 1120 -12.62 -6.97 -44.52
C LYS A 1120 -11.73 -7.12 -45.74
N CYS A 1121 -12.27 -6.82 -46.92
CA CYS A 1121 -11.54 -7.00 -48.17
C CYS A 1121 -10.77 -5.76 -48.58
N GLU A 1122 -10.02 -5.87 -49.67
CA GLU A 1122 -9.44 -4.70 -50.32
C GLU A 1122 -10.58 -3.96 -50.99
N LEU A 1123 -10.76 -2.69 -50.65
CA LEU A 1123 -11.97 -1.98 -51.05
C LEU A 1123 -12.25 -2.01 -52.55
N GLU A 1124 -11.22 -2.32 -53.34
CA GLU A 1124 -11.40 -2.42 -54.78
C GLU A 1124 -12.10 -3.73 -55.14
N ALA A 1126 -14.18 -5.12 -52.81
CA ALA A 1126 -15.46 -4.96 -52.13
C ALA A 1126 -16.47 -4.18 -52.97
N GLU A 1127 -15.99 -3.19 -53.71
CA GLU A 1127 -16.87 -2.40 -54.56
C GLU A 1127 -17.53 -3.29 -55.60
N LYS A 1128 -16.79 -4.30 -56.06
CA LYS A 1128 -17.35 -5.29 -56.96
C LYS A 1128 -18.40 -6.12 -56.23
N ILE A 1129 -17.98 -6.84 -55.19
CA ILE A 1129 -18.89 -7.65 -54.40
C ILE A 1129 -20.17 -6.87 -54.11
N TYR A 1130 -20.02 -5.72 -53.47
CA TYR A 1130 -21.16 -4.88 -53.11
C TYR A 1130 -22.16 -4.73 -54.25
N ASN A 1131 -21.65 -4.51 -55.45
CA ASN A 1131 -22.50 -4.36 -56.62
C ASN A 1131 -23.38 -5.58 -56.85
N ASP A 1132 -22.75 -6.76 -56.77
CA ASP A 1132 -23.47 -8.01 -56.99
C ASP A 1132 -24.55 -8.21 -55.94
N VAL A 1133 -24.24 -7.84 -54.70
CA VAL A 1133 -25.20 -7.98 -53.60
C VAL A 1133 -26.45 -7.15 -53.85
N VAL A 1134 -26.26 -5.86 -54.11
CA VAL A 1134 -27.37 -4.93 -54.31
C VAL A 1134 -28.22 -5.32 -55.51
N ALA A 1135 -27.57 -5.67 -56.62
CA ALA A 1135 -28.28 -6.10 -57.81
C ALA A 1135 -29.20 -7.28 -57.51
N ALA A 1136 -28.71 -8.22 -56.69
CA ALA A 1136 -29.47 -9.40 -56.34
C ALA A 1136 -30.48 -9.12 -55.24
N HIS A 1137 -30.07 -8.37 -54.22
CA HIS A 1137 -30.93 -8.07 -53.07
C HIS A 1137 -31.07 -6.57 -52.86
N PRO A 1138 -31.83 -5.90 -53.74
CA PRO A 1138 -32.00 -4.44 -53.71
C PRO A 1138 -32.39 -3.89 -52.34
N LYS A 1139 -33.44 -4.45 -51.74
CA LYS A 1139 -33.93 -3.94 -50.45
C LYS A 1139 -32.91 -4.11 -49.33
N HIS A 1140 -31.95 -5.01 -49.54
CA HIS A 1140 -30.91 -5.24 -48.53
C HIS A 1140 -30.00 -4.02 -48.39
N LEU A 1141 -30.42 -3.09 -47.53
CA LEU A 1141 -29.70 -1.82 -47.36
C LEU A 1141 -28.39 -1.99 -46.59
N GLN A 1142 -28.37 -2.97 -45.68
CA GLN A 1142 -27.19 -3.22 -44.85
C GLN A 1142 -25.90 -3.29 -45.66
N ALA A 1143 -26.01 -3.68 -46.93
CA ALA A 1143 -24.86 -3.77 -47.82
C ALA A 1143 -24.20 -2.41 -48.03
N ASN A 1144 -25.01 -1.36 -48.03
CA ASN A 1144 -24.51 0.00 -48.15
C ASN A 1144 -23.61 0.40 -46.98
N LEU A 1145 -24.13 0.24 -45.77
CA LEU A 1145 -23.38 0.57 -44.56
C LEU A 1145 -22.05 -0.17 -44.50
N LEU A 1146 -22.06 -1.43 -44.93
CA LEU A 1146 -20.86 -2.25 -44.85
C LEU A 1146 -19.76 -1.75 -45.78
N LEU A 1147 -20.12 -1.39 -47.00
CA LEU A 1147 -19.15 -0.84 -47.94
C LEU A 1147 -18.53 0.40 -47.32
N ILE A 1148 -19.37 1.22 -46.69
CA ILE A 1148 -18.91 2.42 -46.02
C ILE A 1148 -17.82 2.11 -45.00
N GLN A 1149 -18.12 1.25 -44.05
CA GLN A 1149 -17.15 0.85 -43.02
C GLN A 1149 -15.82 0.46 -43.66
N ASN A 1150 -15.89 -0.20 -44.82
CA ASN A 1150 -14.70 -0.60 -45.55
C ASN A 1150 -13.98 0.60 -46.16
N ILE A 1151 -14.73 1.41 -46.90
CA ILE A 1151 -14.17 2.59 -47.54
C ILE A 1151 -13.48 3.48 -46.52
N GLU A 1152 -14.07 3.58 -45.34
CA GLU A 1152 -13.55 4.48 -44.31
C GLU A 1152 -12.50 3.80 -43.46
N SER A 1153 -12.13 2.59 -43.83
CA SER A 1153 -11.11 1.84 -43.10
C SER A 1153 -9.84 1.67 -43.94
N ASN A 1154 -10.00 1.79 -45.25
CA ASN A 1154 -8.88 1.64 -46.17
C ASN A 1154 -8.35 2.98 -46.66
N GLN A 1155 -9.17 4.02 -46.52
CA GLN A 1155 -8.88 5.30 -47.17
C GLN A 1155 -8.64 6.44 -46.18
N LEU A 1156 -9.47 6.53 -45.15
CA LEU A 1156 -9.39 7.65 -44.22
C LEU A 1156 -9.26 7.23 -42.76
N LYS A 1157 -8.35 7.91 -42.05
CA LYS A 1157 -8.11 7.65 -40.64
C LYS A 1157 -9.29 8.12 -39.80
N SER A 1158 -9.57 7.40 -38.72
CA SER A 1158 -10.66 7.77 -37.82
C SER A 1158 -10.19 8.82 -36.83
N GLN A 1159 -10.52 10.09 -37.11
CA GLN A 1159 -10.15 11.18 -36.22
C GLN A 1159 -11.29 12.17 -35.96
N LEU A 1160 -11.29 12.75 -34.76
CA LEU A 1160 -12.36 13.64 -34.33
C LEU A 1160 -12.18 15.04 -34.93
N PRO A 1161 -13.27 15.84 -34.94
CA PRO A 1161 -13.31 17.15 -35.59
C PRO A 1161 -11.98 17.90 -35.59
N LEU A 1162 -11.62 18.52 -34.47
CA LEU A 1162 -10.41 19.33 -34.41
C LEU A 1162 -9.15 18.57 -34.84
N THR A 1163 -9.00 17.34 -34.34
CA THR A 1163 -7.84 16.52 -34.69
C THR A 1163 -7.76 16.31 -36.21
N PHE A 1164 -8.91 16.22 -36.85
CA PHE A 1164 -9.00 16.09 -38.29
C PHE A 1164 -8.55 17.38 -38.97
N VAL A 1165 -9.07 18.50 -38.49
CA VAL A 1165 -8.73 19.82 -39.02
C VAL A 1165 -7.25 20.12 -38.87
N ASN A 1166 -6.76 20.10 -37.63
CA ASN A 1166 -5.35 20.37 -37.35
C ASN A 1166 -4.44 19.53 -38.23
N ALA A 1167 -4.90 18.32 -38.56
CA ALA A 1167 -4.08 17.36 -39.31
C ALA A 1167 -4.21 17.56 -40.81
N GLN A 1168 -4.72 18.72 -41.23
CA GLN A 1168 -4.83 19.04 -42.64
C GLN A 1168 -3.94 20.23 -42.99
N LYS A 1169 -2.80 20.31 -42.32
CA LYS A 1169 -1.89 21.44 -42.50
C LYS A 1169 -0.41 21.06 -42.34
N THR A 1170 0.44 21.74 -43.08
CA THR A 1170 1.89 21.57 -43.01
C THR A 1170 2.35 20.12 -43.21
N SER A 1171 3.12 19.61 -42.25
CA SER A 1171 3.74 18.28 -42.35
C SER A 1171 4.43 18.07 -43.70
N PRO A 1172 5.60 18.71 -43.87
CA PRO A 1172 6.38 18.71 -45.13
C PRO A 1172 7.38 17.56 -45.34
N PRO A 1173 7.55 16.62 -44.38
CA PRO A 1173 8.57 15.58 -44.61
C PRO A 1173 8.45 14.96 -46.00
N GLU A 1174 7.24 14.57 -46.39
CA GLU A 1174 6.99 13.99 -47.70
C GLU A 1174 7.05 15.04 -48.80
N ALA A 1175 6.33 14.81 -49.89
CA ALA A 1175 6.35 15.72 -51.03
C ALA A 1175 5.27 16.80 -50.91
N GLY A 1176 5.56 17.98 -51.44
CA GLY A 1176 4.59 19.05 -51.50
C GLY A 1176 3.56 18.74 -52.56
N GLU A 1177 3.89 17.79 -53.43
CA GLU A 1177 2.98 17.34 -54.47
C GLU A 1177 2.17 16.13 -53.99
N SER A 1178 2.86 15.16 -53.40
CA SER A 1178 2.22 13.97 -52.87
C SER A 1178 1.14 14.34 -51.86
N ALA A 1179 1.22 15.56 -51.34
CA ALA A 1179 0.26 16.03 -50.33
C ALA A 1179 -1.10 16.34 -50.94
N ASP A 1180 -1.20 16.24 -52.27
CA ASP A 1180 -2.46 16.46 -52.96
C ASP A 1180 -3.11 15.15 -53.38
N LYS A 1181 -2.31 14.24 -53.92
CA LYS A 1181 -2.82 12.94 -54.36
C LYS A 1181 -3.31 12.11 -53.18
N GLN A 1182 -2.82 12.41 -51.99
CA GLN A 1182 -3.24 11.70 -50.79
C GLN A 1182 -4.48 12.34 -50.17
N LYS A 1183 -4.67 13.63 -50.41
CA LYS A 1183 -5.82 14.34 -49.88
C LYS A 1183 -6.97 14.43 -50.87
N GLU A 1184 -6.67 14.11 -52.14
CA GLU A 1184 -7.71 14.01 -53.15
C GLU A 1184 -8.31 12.61 -53.12
N ASP A 1185 -7.57 11.67 -52.54
CA ASP A 1185 -8.08 10.33 -52.33
C ASP A 1185 -9.11 10.35 -51.21
N GLN A 1186 -8.90 11.26 -50.26
CA GLN A 1186 -9.81 11.43 -49.14
C GLN A 1186 -11.14 12.02 -49.61
N LYS A 1187 -11.06 13.02 -50.48
CA LYS A 1187 -12.24 13.68 -51.01
C LYS A 1187 -13.11 12.69 -51.78
N LYS A 1188 -12.49 11.98 -52.73
CA LYS A 1188 -13.20 10.98 -53.53
C LYS A 1188 -13.97 10.02 -52.63
N VAL A 1189 -13.32 9.64 -51.55
CA VAL A 1189 -13.88 8.64 -50.63
C VAL A 1189 -15.11 9.14 -49.89
N ARG A 1190 -15.00 10.30 -49.26
CA ARG A 1190 -16.13 10.86 -48.53
C ARG A 1190 -17.28 11.19 -49.47
N SER A 1191 -16.95 11.53 -50.71
CA SER A 1191 -17.96 11.71 -51.74
C SER A 1191 -18.67 10.38 -51.97
N ALA A 1192 -17.88 9.37 -52.33
CA ALA A 1192 -18.41 8.03 -52.52
C ALA A 1192 -19.15 7.55 -51.28
N LEU A 1193 -18.70 8.02 -50.12
CA LEU A 1193 -19.25 7.59 -48.85
C LEU A 1193 -20.59 8.27 -48.56
N GLU A 1194 -20.71 9.52 -48.94
CA GLU A 1194 -21.94 10.29 -48.74
C GLU A 1194 -23.06 9.76 -49.64
N ARG A 1195 -22.72 9.36 -50.85
CA ARG A 1195 -23.69 8.86 -51.80
C ARG A 1195 -24.18 7.46 -51.40
N ILE A 1196 -23.28 6.67 -50.85
CA ILE A 1196 -23.63 5.32 -50.38
C ILE A 1196 -24.68 5.42 -49.29
N VAL A 1197 -24.66 6.52 -48.54
CA VAL A 1197 -25.60 6.73 -47.45
C VAL A 1197 -26.98 7.14 -47.95
N LYS A 1198 -27.00 8.05 -48.93
CA LYS A 1198 -28.25 8.51 -49.51
C LYS A 1198 -29.05 7.34 -50.06
N LEU A 1199 -28.34 6.34 -50.57
CA LEU A 1199 -28.98 5.14 -51.10
C LEU A 1199 -29.71 4.38 -50.00
N ALA A 1200 -29.16 4.45 -48.79
CA ALA A 1200 -29.78 3.81 -47.63
C ALA A 1200 -30.61 4.82 -46.85
N ASP A 1201 -30.82 5.99 -47.45
CA ASP A 1201 -31.60 7.06 -46.83
C ASP A 1201 -32.94 7.26 -47.54
N LYS A 1202 -32.93 7.12 -48.86
CA LYS A 1202 -34.12 7.36 -49.68
C LYS A 1202 -35.06 6.17 -49.64
N VAL A 1203 -34.63 5.04 -50.18
CA VAL A 1203 -35.45 3.83 -50.18
C VAL A 1203 -35.49 3.21 -48.78
N ILE A 1204 -35.80 4.05 -47.80
CA ILE A 1204 -35.93 3.64 -46.41
C ILE A 1204 -36.75 4.71 -45.70
N GLN A 1205 -37.65 5.33 -46.48
CA GLN A 1205 -38.40 6.50 -46.03
C GLN A 1205 -38.69 6.53 -44.54
N GLU A 1206 -38.05 7.45 -43.85
CA GLU A 1206 -38.16 7.59 -42.40
C GLU A 1206 -39.54 8.02 -41.92
N THR A 1207 -40.23 8.81 -42.74
CA THR A 1207 -41.51 9.38 -42.35
C THR A 1207 -42.46 8.34 -41.75
N ASP A 1208 -42.69 7.26 -42.48
CA ASP A 1208 -43.59 6.22 -42.01
C ASP A 1208 -42.90 5.34 -40.98
N SER A 1209 -41.59 5.21 -41.12
CA SER A 1209 -40.78 4.44 -40.17
C SER A 1209 -40.87 5.03 -38.78
N GLU A 1210 -41.36 6.27 -38.70
CA GLU A 1210 -41.51 6.95 -37.42
C GLU A 1210 -42.97 6.98 -36.98
N ALA A 1211 -43.63 5.83 -37.12
CA ALA A 1211 -45.02 5.71 -36.72
C ALA A 1211 -45.22 4.48 -35.83
N LEU A 1212 -44.11 3.82 -35.51
CA LEU A 1212 -44.17 2.63 -34.66
C LEU A 1212 -43.31 2.79 -33.41
N LEU A 1213 -42.18 3.45 -33.56
CA LEU A 1213 -41.25 3.64 -32.44
C LEU A 1213 -41.85 4.53 -31.35
N SER A 1214 -42.05 5.81 -31.67
CA SER A 1214 -42.65 6.74 -30.72
C SER A 1214 -44.17 6.62 -30.72
N TYR A 1215 -44.73 6.32 -31.89
CA TYR A 1215 -46.16 6.10 -32.02
C TYR A 1215 -46.52 4.67 -31.62
N TYR A 1216 -45.77 4.11 -30.68
CA TYR A 1216 -46.01 2.76 -30.19
C TYR A 1216 -47.36 2.70 -29.48
N GLY A 1217 -47.38 3.16 -28.23
CA GLY A 1217 -48.59 3.17 -27.44
C GLY A 1217 -49.11 1.76 -27.19
N LEU A 1218 -49.90 1.27 -28.14
CA LEU A 1218 -50.42 -0.10 -28.07
C LEU A 1218 -49.27 -1.09 -27.93
N LYS A 1219 -49.07 -1.58 -26.71
CA LYS A 1219 -47.97 -2.50 -26.42
C LYS A 1219 -48.02 -3.72 -27.34
N ASN A 1220 -46.90 -4.01 -28.00
CA ASN A 1220 -46.81 -5.10 -28.97
C ASN A 1220 -47.88 -4.97 -30.05
N ASP A 1221 -48.20 -3.74 -30.42
CA ASP A 1221 -49.26 -3.43 -31.38
C ASP A 1221 -50.44 -4.40 -31.26
N THR A 1222 -51.23 -4.20 -30.21
CA THR A 1222 -52.41 -5.03 -29.95
C THR A 1222 -52.05 -6.52 -29.86
N ARG A 1223 -50.77 -6.81 -29.68
CA ARG A 1223 -50.28 -8.18 -29.60
C ARG A 1223 -50.74 -9.01 -30.79
N ALA A 1224 -50.70 -8.42 -31.98
CA ALA A 1224 -51.11 -9.11 -33.20
C ALA A 1224 -50.20 -10.30 -33.49
N ASP A 1225 -49.03 -10.30 -32.87
CA ASP A 1225 -48.05 -11.38 -33.02
C ASP A 1225 -47.78 -11.71 -34.49
N ALA A 1226 -48.05 -10.74 -35.37
CA ALA A 1226 -47.71 -10.85 -36.78
C ALA A 1226 -46.77 -9.72 -37.12
N ALA A 1227 -46.85 -8.65 -36.34
CA ALA A 1227 -45.95 -7.51 -36.46
C ALA A 1227 -45.31 -7.22 -35.11
N LYS A 1228 -45.54 -8.12 -34.16
CA LYS A 1228 -44.95 -8.01 -32.83
C LYS A 1228 -43.43 -8.16 -32.90
N ILE A 1229 -42.91 -8.11 -34.12
CA ILE A 1229 -41.48 -8.21 -34.37
C ILE A 1229 -40.84 -6.83 -34.45
N LYS A 1230 -40.12 -6.46 -33.40
CA LYS A 1230 -39.32 -5.24 -33.43
C LYS A 1230 -38.09 -5.48 -34.31
N THR A 1231 -37.72 -6.74 -34.44
CA THR A 1231 -36.54 -7.12 -35.21
C THR A 1231 -36.48 -6.44 -36.57
N ASN A 1232 -37.62 -6.34 -37.23
CA ASN A 1232 -37.68 -5.67 -38.54
C ASN A 1232 -37.66 -4.15 -38.40
N ASP A 1234 -36.90 -2.06 -35.60
CA ASP A 1234 -35.69 -1.58 -34.96
C ASP A 1234 -34.47 -1.83 -35.84
N LYS A 1235 -34.60 -2.74 -36.80
CA LYS A 1235 -33.53 -2.98 -37.75
C LYS A 1235 -33.51 -1.88 -38.80
N GLN A 1236 -34.68 -1.56 -39.33
CA GLN A 1236 -34.80 -0.51 -40.34
C GLN A 1236 -34.33 0.83 -39.79
N LYS A 1237 -34.45 1.01 -38.47
CA LYS A 1237 -34.02 2.26 -37.85
C LYS A 1237 -32.54 2.24 -37.46
N ASN A 1238 -32.10 1.15 -36.83
CA ASN A 1238 -30.70 1.00 -36.46
C ASN A 1238 -29.79 1.12 -37.68
N THR A 1239 -30.35 0.83 -38.85
CA THR A 1239 -29.63 1.00 -40.10
C THR A 1239 -29.72 2.45 -40.53
N LEU A 1240 -30.87 3.06 -40.31
CA LEU A 1240 -31.12 4.45 -40.69
C LEU A 1240 -30.18 5.40 -39.96
N ILE A 1241 -30.19 5.33 -38.63
CA ILE A 1241 -29.35 6.19 -37.82
C ILE A 1241 -27.90 6.15 -38.29
N GLU A 1242 -27.40 4.96 -38.61
CA GLU A 1242 -26.02 4.80 -39.02
C GLU A 1242 -25.77 5.49 -40.35
N ALA A 1243 -26.76 5.45 -41.24
CA ALA A 1243 -26.66 6.13 -42.52
C ALA A 1243 -26.55 7.64 -42.30
N LEU A 1244 -27.56 8.22 -41.64
CA LEU A 1244 -27.55 9.64 -41.32
C LEU A 1244 -26.27 10.01 -40.59
N SER A 1245 -25.92 9.22 -39.57
CA SER A 1245 -24.72 9.46 -38.78
C SER A 1245 -23.49 9.55 -39.68
N LYS A 1246 -23.24 8.50 -40.45
CA LYS A 1246 -22.07 8.43 -41.32
C LYS A 1246 -22.07 9.51 -42.40
N LYS A 1247 -23.26 9.91 -42.86
CA LYS A 1247 -23.36 10.93 -43.89
C LYS A 1247 -22.90 12.28 -43.36
N GLY A 1248 -23.50 12.73 -42.26
CA GLY A 1248 -23.15 14.00 -41.67
C GLY A 1248 -21.67 14.13 -41.42
N ILE A 1249 -21.12 13.20 -40.66
CA ILE A 1249 -19.69 13.19 -40.35
C ILE A 1249 -18.86 13.16 -41.63
N ALA A 1250 -19.49 12.78 -42.73
CA ALA A 1250 -18.82 12.75 -44.03
C ALA A 1250 -18.97 14.10 -44.75
N VAL A 1251 -20.16 14.67 -44.69
CA VAL A 1251 -20.42 15.95 -45.34
C VAL A 1251 -19.86 17.10 -44.51
N ALA A 1252 -19.34 16.77 -43.34
CA ALA A 1252 -18.71 17.76 -42.48
C ALA A 1252 -17.21 17.79 -42.73
N LYS A 1253 -16.63 16.63 -43.03
CA LYS A 1253 -15.22 16.54 -43.38
C LYS A 1253 -14.97 17.22 -44.72
N LEU A 1254 -15.89 17.01 -45.65
CA LEU A 1254 -15.82 17.67 -46.95
C LEU A 1254 -15.84 19.18 -46.80
N ALA A 1255 -16.74 19.67 -45.96
CA ALA A 1255 -16.83 21.10 -45.69
C ALA A 1255 -15.50 21.63 -45.19
N VAL A 1256 -14.83 20.85 -44.35
CA VAL A 1256 -13.54 21.23 -43.80
C VAL A 1256 -12.45 21.25 -44.88
N LEU A 1257 -12.53 20.30 -45.81
CA LEU A 1257 -11.60 20.25 -46.93
C LEU A 1257 -11.80 21.46 -47.83
N ASP A 1258 -13.06 21.86 -48.01
CA ASP A 1258 -13.39 23.02 -48.84
C ASP A 1258 -13.35 24.30 -48.02
N ASP A 1259 -13.27 24.16 -46.70
CA ASP A 1259 -13.24 25.30 -45.80
C ASP A 1259 -14.47 26.19 -46.00
N CYS A 1260 -15.59 25.77 -45.44
CA CYS A 1260 -16.88 26.38 -45.73
C CYS A 1260 -17.99 25.78 -44.89
N ILE A 1261 -17.62 25.18 -43.76
CA ILE A 1261 -18.59 24.68 -42.80
C ILE A 1261 -19.73 25.67 -42.59
N LYS A 1262 -19.48 26.93 -42.95
CA LYS A 1262 -20.47 27.99 -42.76
C LYS A 1262 -21.61 27.86 -43.77
N ASP A 1263 -21.25 27.94 -45.06
CA ASP A 1263 -22.25 27.84 -46.12
C ASP A 1263 -22.59 26.39 -46.42
N SER A 1264 -22.43 25.52 -45.43
CA SER A 1264 -22.89 24.15 -45.52
C SER A 1264 -23.58 23.75 -44.21
N LEU A 1265 -23.47 24.62 -43.22
CA LEU A 1265 -24.00 24.35 -41.88
C LEU A 1265 -25.48 23.99 -41.93
N ALA A 1266 -26.18 24.52 -42.92
CA ALA A 1266 -27.62 24.28 -43.05
C ALA A 1266 -27.95 22.80 -43.08
N GLU A 1267 -27.28 22.06 -43.96
CA GLU A 1267 -27.52 20.63 -44.12
C GLU A 1267 -27.20 19.88 -42.83
N ILE A 1268 -25.99 20.05 -42.33
CA ILE A 1268 -25.56 19.42 -41.08
C ILE A 1268 -26.63 19.55 -40.01
N ASN A 1269 -27.34 20.68 -40.02
CA ASN A 1269 -28.40 20.94 -39.05
C ASN A 1269 -29.64 20.10 -39.36
N GLU A 1270 -30.17 20.27 -40.56
CA GLU A 1270 -31.36 19.52 -40.98
C GLU A 1270 -31.09 18.02 -40.88
N LEU A 1271 -29.81 17.66 -40.94
CA LEU A 1271 -29.39 16.27 -40.88
C LEU A 1271 -29.35 15.79 -39.44
N TYR A 1272 -28.78 16.63 -38.57
CA TYR A 1272 -28.63 16.31 -37.15
C TYR A 1272 -29.97 16.32 -36.43
N THR A 1273 -30.89 17.14 -36.91
CA THR A 1273 -32.21 17.28 -36.28
C THR A 1273 -33.13 16.12 -36.65
N GLU A 1274 -32.75 15.36 -37.68
CA GLU A 1274 -33.54 14.20 -38.08
C GLU A 1274 -33.08 12.93 -37.38
N ILE A 1275 -31.82 12.89 -36.96
CA ILE A 1275 -31.31 11.75 -36.20
C ILE A 1275 -31.88 11.75 -34.79
N ILE A 1276 -31.81 12.90 -34.13
CA ILE A 1276 -32.26 13.03 -32.75
C ILE A 1276 -33.70 12.55 -32.58
N LYS A 1277 -34.49 12.67 -33.64
CA LYS A 1277 -35.87 12.19 -33.61
C LYS A 1277 -35.92 10.73 -33.18
N PHE A 1278 -34.78 10.06 -33.31
CA PHE A 1278 -34.63 8.68 -32.86
C PHE A 1278 -33.74 8.64 -31.63
N VAL A 1279 -32.84 7.67 -31.56
CA VAL A 1279 -31.96 7.54 -30.40
C VAL A 1279 -31.09 8.79 -30.25
N ASP A 1280 -31.03 9.32 -29.03
CA ASP A 1280 -30.35 10.58 -28.76
C ASP A 1280 -28.88 10.57 -29.17
N ALA A 1281 -28.31 11.77 -29.29
CA ALA A 1281 -26.98 11.95 -29.88
C ALA A 1281 -25.84 11.26 -29.12
N ASN A 1282 -26.05 10.99 -27.84
CA ASN A 1282 -24.96 10.46 -27.01
C ASN A 1282 -24.76 8.95 -27.12
N ASP A 1283 -25.58 8.30 -27.94
CA ASP A 1283 -25.44 6.87 -28.18
C ASP A 1283 -24.31 6.63 -29.16
N SER A 1284 -23.59 5.52 -28.99
CA SER A 1284 -22.50 5.16 -29.87
C SER A 1284 -22.88 5.36 -31.34
N LYS A 1285 -24.14 5.09 -31.64
CA LYS A 1285 -24.65 5.17 -33.00
C LYS A 1285 -24.43 6.54 -33.64
N ALA A 1286 -24.61 7.61 -32.87
CA ALA A 1286 -24.52 8.96 -33.40
C ALA A 1286 -23.57 9.85 -32.59
N ILE A 1287 -23.05 9.31 -31.49
CA ILE A 1287 -22.25 10.08 -30.55
C ILE A 1287 -21.24 10.99 -31.23
N GLN A 1288 -20.62 10.53 -32.31
CA GLN A 1288 -19.57 11.32 -32.95
C GLN A 1288 -19.96 11.93 -34.30
N PHE A 1289 -21.25 11.96 -34.59
CA PHE A 1289 -21.75 12.87 -35.61
C PHE A 1289 -22.08 14.17 -34.91
N ALA A 1290 -22.46 14.05 -33.64
CA ALA A 1290 -22.72 15.22 -32.80
C ALA A 1290 -21.46 16.04 -32.65
N LEU A 1291 -20.34 15.37 -32.38
CA LEU A 1291 -19.05 16.04 -32.25
C LEU A 1291 -18.77 16.95 -33.42
N TRP A 1292 -19.22 16.54 -34.61
CA TRP A 1292 -19.07 17.37 -35.80
C TRP A 1292 -20.08 18.51 -35.80
N HIS A 1293 -21.34 18.19 -35.55
CA HIS A 1293 -22.37 19.20 -35.43
C HIS A 1293 -21.93 20.30 -34.46
N ALA A 1294 -21.51 19.87 -33.27
CA ALA A 1294 -21.02 20.79 -32.25
C ALA A 1294 -19.89 21.65 -32.80
N TYR A 1295 -18.97 21.03 -33.51
CA TYR A 1295 -17.85 21.77 -34.10
C TYR A 1295 -18.32 22.80 -35.10
N ALA A 1296 -19.23 22.41 -35.97
CA ALA A 1296 -19.73 23.30 -37.02
C ALA A 1296 -20.53 24.48 -36.47
N HIS A 1297 -21.04 24.31 -35.25
CA HIS A 1297 -21.78 25.37 -34.58
C HIS A 1297 -20.89 26.21 -33.68
N GLY A 1298 -19.64 25.77 -33.52
CA GLY A 1298 -18.70 26.47 -32.67
C GLY A 1298 -19.00 26.25 -31.20
N HIS A 1299 -19.61 25.10 -30.91
CA HIS A 1299 -19.97 24.74 -29.54
C HIS A 1299 -18.87 23.91 -28.90
N TYR A 1300 -17.74 24.53 -28.63
CA TYR A 1300 -16.58 23.84 -28.06
C TYR A 1300 -16.87 23.28 -26.68
N GLY A 1301 -17.92 23.79 -26.04
CA GLY A 1301 -18.34 23.29 -24.74
C GLY A 1301 -18.98 21.92 -24.87
N ARG A 1302 -19.91 21.80 -25.81
CA ARG A 1302 -20.59 20.54 -26.07
C ARG A 1302 -19.60 19.45 -26.43
N TYR A 1304 -16.61 18.97 -25.52
CA TYR A 1304 -16.05 18.44 -24.28
C TYR A 1304 -17.03 17.46 -23.66
N LYS A 1305 -18.29 17.86 -23.58
CA LYS A 1305 -19.32 17.02 -22.97
C LYS A 1305 -19.42 15.69 -23.70
N TYR A 1306 -19.15 15.70 -25.00
CA TYR A 1306 -19.20 14.48 -25.79
C TYR A 1306 -17.94 13.64 -25.62
N VAL A 1307 -16.79 14.26 -25.88
CA VAL A 1307 -15.51 13.54 -25.84
C VAL A 1307 -15.18 13.00 -24.45
N VAL A 1308 -16.04 13.27 -23.47
CA VAL A 1308 -15.90 12.65 -22.16
C VAL A 1308 -16.67 11.32 -22.12
N LYS A 1309 -17.84 11.30 -22.76
CA LYS A 1309 -18.60 10.07 -22.89
C LYS A 1309 -17.70 8.98 -23.44
N LEU A 1310 -17.06 9.28 -24.57
CA LEU A 1310 -16.13 8.36 -25.20
C LEU A 1310 -15.00 8.02 -24.25
N ILE A 1311 -14.54 9.02 -23.51
CA ILE A 1311 -13.40 8.85 -22.61
C ILE A 1311 -13.78 7.99 -21.42
N GLU A 1312 -15.07 7.76 -21.24
CA GLU A 1312 -15.55 6.90 -20.15
C GLU A 1312 -15.53 5.43 -20.54
N GLU A 1313 -15.79 5.15 -21.81
CA GLU A 1313 -15.82 3.77 -22.30
C GLU A 1313 -14.46 3.31 -22.84
N LYS A 1314 -13.83 4.15 -23.66
CA LYS A 1314 -12.61 3.76 -24.35
C LYS A 1314 -11.33 4.26 -23.68
N ARG A 1315 -11.17 5.58 -23.64
CA ARG A 1315 -9.93 6.20 -23.17
C ARG A 1315 -8.75 5.89 -24.08
N THR A 1316 -8.58 6.71 -25.12
CA THR A 1316 -7.44 6.60 -26.02
C THR A 1316 -6.70 7.93 -26.02
N ARG A 1317 -5.41 7.90 -26.34
CA ARG A 1317 -4.64 9.13 -26.45
C ARG A 1317 -5.35 10.11 -27.38
N ASP A 1318 -5.95 9.59 -28.43
CA ASP A 1318 -6.66 10.40 -29.41
C ASP A 1318 -7.75 11.25 -28.76
N HIS A 1319 -8.33 10.74 -27.68
CA HIS A 1319 -9.34 11.48 -26.93
C HIS A 1319 -8.74 12.72 -26.28
N PHE A 1320 -7.53 12.57 -25.77
CA PHE A 1320 -6.87 13.64 -25.04
C PHE A 1320 -6.33 14.73 -25.97
N VAL A 1321 -5.71 14.31 -27.07
CA VAL A 1321 -5.18 15.26 -28.04
C VAL A 1321 -6.31 16.11 -28.62
N GLU A 1322 -7.50 15.53 -28.67
CA GLU A 1322 -8.66 16.24 -29.20
C GLU A 1322 -9.24 17.11 -28.10
N LEU A 1323 -9.20 16.60 -26.88
CA LEU A 1323 -9.68 17.35 -25.72
C LEU A 1323 -8.72 18.50 -25.41
N ALA A 1324 -7.48 18.36 -25.87
CA ALA A 1324 -6.50 19.42 -25.75
C ALA A 1324 -6.76 20.49 -26.80
N ALA A 1325 -6.93 20.05 -28.05
CA ALA A 1325 -7.20 20.95 -29.15
C ALA A 1325 -8.45 21.78 -28.91
N ILE A 1326 -9.43 21.18 -28.23
CA ILE A 1326 -10.65 21.88 -27.88
C ILE A 1326 -10.35 23.10 -27.03
N ASN A 1327 -9.43 22.93 -26.08
CA ASN A 1327 -9.03 24.02 -25.20
C ASN A 1327 -8.28 25.13 -25.93
N GLY A 1328 -7.30 24.75 -26.74
CA GLY A 1328 -6.56 25.72 -27.53
C GLY A 1328 -7.48 26.66 -28.28
N ALA A 1329 -8.51 26.09 -28.92
CA ALA A 1329 -9.47 26.86 -29.69
C ALA A 1329 -10.30 27.77 -28.79
N LEU A 1330 -10.41 27.41 -27.52
CA LEU A 1330 -11.14 28.21 -26.54
C LEU A 1330 -10.26 29.33 -25.97
N GLY A 1331 -8.95 29.17 -26.11
CA GLY A 1331 -8.02 30.16 -25.62
C GLY A 1331 -7.27 29.72 -24.37
N HIS A 1332 -7.96 28.95 -23.52
CA HIS A 1332 -7.35 28.47 -22.29
C HIS A 1332 -6.12 27.63 -22.60
N GLU A 1333 -4.94 28.24 -22.56
CA GLU A 1333 -3.70 27.51 -22.82
C GLU A 1333 -3.01 27.06 -21.52
N HIS A 1334 -3.53 27.54 -20.39
CA HIS A 1334 -3.09 27.04 -19.10
C HIS A 1334 -3.69 25.67 -18.92
N ILE A 1335 -4.90 25.49 -19.45
CA ILE A 1335 -5.60 24.22 -19.41
C ILE A 1335 -4.92 23.19 -20.32
N ARG A 1336 -4.64 23.61 -21.56
CA ARG A 1336 -4.05 22.70 -22.54
C ARG A 1336 -2.63 22.29 -22.16
N THR A 1337 -1.95 23.16 -21.41
CA THR A 1337 -0.61 22.83 -20.92
C THR A 1337 -0.68 21.71 -19.89
N VAL A 1338 -1.81 21.67 -19.17
CA VAL A 1338 -2.05 20.63 -18.17
C VAL A 1338 -2.42 19.31 -18.84
N ILE A 1339 -3.29 19.40 -19.84
CA ILE A 1339 -3.71 18.21 -20.58
C ILE A 1339 -2.54 17.51 -21.23
N ASN A 1340 -1.55 18.29 -21.65
CA ASN A 1340 -0.35 17.73 -22.27
C ASN A 1340 0.51 16.97 -21.27
N ARG A 1341 0.20 17.14 -19.98
CA ARG A 1341 0.94 16.45 -18.92
C ARG A 1341 0.30 15.11 -18.59
N ILE A 1344 1.35 12.50 -21.29
CA ILE A 1344 2.73 12.05 -21.08
C ILE A 1344 2.82 10.93 -20.04
N THR A 1345 1.99 11.00 -19.01
CA THR A 1345 2.04 10.05 -17.91
C THR A 1345 1.01 8.94 -18.03
N ALA A 1346 -0.17 9.28 -18.53
CA ALA A 1346 -1.28 8.33 -18.62
C ALA A 1346 -1.10 7.33 -19.76
N PHE A 1347 -0.13 7.59 -20.62
CA PHE A 1347 0.14 6.70 -21.76
C PHE A 1347 1.63 6.43 -21.88
N PRO A 1348 2.22 5.82 -20.85
CA PRO A 1348 3.65 5.52 -20.83
C PRO A 1348 4.04 4.57 -21.95
N SER A 1349 5.33 4.52 -22.26
CA SER A 1349 5.84 3.60 -23.26
C SER A 1349 5.84 2.17 -22.72
N SER A 1350 6.36 2.01 -21.51
CA SER A 1350 6.46 0.68 -20.90
C SER A 1350 5.79 0.65 -19.53
N PHE A 1351 5.57 -0.55 -19.03
CA PHE A 1351 5.08 -0.74 -17.68
C PHE A 1351 6.18 -0.32 -16.71
N ARG A 1352 5.79 0.30 -15.60
CA ARG A 1352 6.76 0.73 -14.61
C ARG A 1352 7.55 -0.45 -14.05
N LEU A 1353 8.84 -0.22 -13.79
CA LEU A 1353 9.70 -1.28 -13.26
C LEU A 1353 9.29 -1.67 -11.84
N PHE A 1354 9.95 -2.70 -11.32
CA PHE A 1354 9.71 -3.14 -9.94
C PHE A 1354 10.83 -2.71 -9.02
#